data_7Q92
#
_entry.id   7Q92
#
_cell.length_a   57.920
_cell.length_b   132.570
_cell.length_c   86.850
_cell.angle_alpha   90.000
_cell.angle_beta   100.158
_cell.angle_gamma   90.000
#
_symmetry.space_group_name_H-M   'P 1 21 1'
#
loop_
_entity.id
_entity.type
_entity.pdbx_description
1 polymer 'NADQ transcription factor'
2 non-polymer "ADENOSINE-5'-TRIPHOSPHATE"
3 non-polymer 'POTASSIUM ION'
4 non-polymer 'SODIUM ION'
5 water water
#
_entity_poly.entity_id   1
_entity_poly.type   'polypeptide(L)'
_entity_poly.pdbx_seq_one_letter_code
;(MSE)RGSHHHHHHG(MSE)AS(MSE)TGGQQ(MSE)GRDLYDDDDKDHPFTVTIGLAHAELIAVVTAITTDEPRV
(MSE)TVREGAALPSGPFEFGHRTLQSGLREWIHEQTHHPVGYLEQLYTFADRDRNNEILGGRTISIGYLGLVREQEAPS
GKSAFWHGWYEYFPWEDHRQGRPDILDSIIDKLRAWADSEPDSRAQRHLRADFTFGLDGGGWNEELTLQRYELLYEAGLV
GEAQSEPRINFGRP(MSE)FADHRRILATGIARLRAKIKYRPVVFEL(MSE)ADSFTLLQLQRAIEALAGLTLHKQNFRR
LIEQQQLVEETGD(MSE)ATETGGRPAKLFRFRQTVLDERALSGTKLPLSRN
;
_entity_poly.pdbx_strand_id   A,B,C,D
#
# COMPACT_ATOMS: atom_id res chain seq x y z
N ILE A 39 42.89 31.91 -14.31
CA ILE A 39 42.47 31.77 -12.93
C ILE A 39 41.05 31.21 -12.88
N GLY A 40 40.82 30.24 -12.00
CA GLY A 40 39.53 29.60 -11.89
C GLY A 40 39.40 28.31 -12.67
N LEU A 41 40.49 27.65 -13.01
CA LEU A 41 40.47 26.41 -13.75
C LEU A 41 40.55 25.22 -12.82
N ALA A 42 39.97 24.10 -13.24
CA ALA A 42 39.98 22.89 -12.44
C ALA A 42 39.93 21.67 -13.36
N HIS A 43 40.52 20.58 -12.88
CA HIS A 43 40.46 19.29 -13.55
C HIS A 43 39.43 18.42 -12.86
N ALA A 44 38.46 17.93 -13.62
CA ALA A 44 37.36 17.16 -13.07
C ALA A 44 37.54 15.67 -13.38
N GLU A 45 37.49 14.85 -12.34
CA GLU A 45 37.48 13.40 -12.48
C GLU A 45 36.08 12.89 -12.20
N LEU A 46 35.54 12.12 -13.15
CA LEU A 46 34.22 11.53 -13.01
C LEU A 46 34.37 10.13 -12.45
N ILE A 47 33.72 9.86 -11.31
CA ILE A 47 33.89 8.62 -10.57
C ILE A 47 32.53 7.95 -10.44
N ALA A 48 32.50 6.64 -10.71
CA ALA A 48 31.25 5.88 -10.77
C ALA A 48 31.14 4.95 -9.58
N VAL A 49 29.98 4.99 -8.91
CA VAL A 49 29.63 4.02 -7.88
C VAL A 49 28.46 3.18 -8.40
N VAL A 50 28.76 2.06 -9.04
CA VAL A 50 27.75 1.18 -9.61
C VAL A 50 27.55 0.01 -8.65
N THR A 51 26.32 -0.12 -8.14
CA THR A 51 26.02 -1.07 -7.08
C THR A 51 25.10 -2.17 -7.58
N ALA A 52 25.38 -3.40 -7.15
CA ALA A 52 24.50 -4.54 -7.38
C ALA A 52 24.37 -5.32 -6.07
N ILE A 53 23.33 -6.14 -5.99
CA ILE A 53 23.06 -6.96 -4.81
C ILE A 53 23.14 -8.42 -5.24
N THR A 54 24.16 -9.12 -4.76
CA THR A 54 24.40 -10.51 -5.11
C THR A 54 24.58 -11.32 -3.85
N THR A 55 23.81 -12.41 -3.73
CA THR A 55 23.86 -13.28 -2.54
C THR A 55 23.60 -12.50 -1.27
N ASP A 56 22.63 -11.58 -1.32
CA ASP A 56 22.26 -10.73 -0.19
C ASP A 56 23.44 -9.93 0.34
N GLU A 57 24.37 -9.56 -0.55
CA GLU A 57 25.52 -8.74 -0.18
C GLU A 57 25.61 -7.57 -1.14
N PRO A 58 25.75 -6.34 -0.65
CA PRO A 58 25.90 -5.19 -1.54
C PRO A 58 27.30 -5.15 -2.12
N ARG A 59 27.38 -5.05 -3.45
CA ARG A 59 28.65 -5.07 -4.15
C ARG A 59 28.77 -3.86 -5.06
N VAL A 60 30.00 -3.41 -5.27
CA VAL A 60 30.30 -2.25 -6.09
C VAL A 60 31.23 -2.67 -7.21
N THR A 62 34.28 -2.44 -9.60
CA THR A 62 35.62 -1.90 -9.43
C THR A 62 36.51 -2.31 -10.60
N VAL A 63 37.65 -1.65 -10.70
CA VAL A 63 38.71 -2.00 -11.64
C VAL A 63 39.99 -2.24 -10.85
N ARG A 64 41.02 -2.71 -11.55
CA ARG A 64 42.32 -3.04 -10.96
C ARG A 64 42.17 -3.99 -9.78
N GLU A 65 41.35 -5.03 -9.96
CA GLU A 65 41.15 -6.09 -8.98
C GLU A 65 40.66 -5.52 -7.64
N GLY A 66 39.70 -4.61 -7.71
CA GLY A 66 39.08 -4.06 -6.51
C GLY A 66 39.82 -2.91 -5.88
N ALA A 67 40.81 -2.33 -6.55
CA ALA A 67 41.58 -1.24 -5.97
C ALA A 67 41.01 0.14 -6.28
N ALA A 68 40.17 0.27 -7.30
CA ALA A 68 39.67 1.57 -7.71
C ALA A 68 38.28 1.44 -8.34
N LEU A 69 37.50 2.50 -8.20
CA LEU A 69 36.23 2.62 -8.90
C LEU A 69 36.48 3.01 -10.35
N PRO A 70 35.55 2.68 -11.24
CA PRO A 70 35.67 3.17 -12.63
C PRO A 70 35.63 4.69 -12.66
N SER A 71 36.66 5.29 -13.24
CA SER A 71 36.77 6.74 -13.25
C SER A 71 37.42 7.19 -14.55
N GLY A 72 37.35 8.51 -14.77
CA GLY A 72 37.92 9.11 -15.96
C GLY A 72 37.74 10.62 -15.95
N PRO A 73 38.62 11.33 -16.64
CA PRO A 73 38.54 12.80 -16.65
C PRO A 73 37.40 13.30 -17.51
N PHE A 74 36.95 14.51 -17.20
CA PHE A 74 35.95 15.20 -18.00
C PHE A 74 36.66 15.93 -19.13
N GLU A 75 36.26 15.65 -20.37
CA GLU A 75 36.94 16.18 -21.54
C GLU A 75 35.99 17.12 -22.30
N PHE A 76 36.58 17.87 -23.25
CA PHE A 76 35.83 18.88 -23.97
C PHE A 76 34.72 18.24 -24.81
N GLY A 77 35.00 17.10 -25.43
CA GLY A 77 34.00 16.42 -26.24
C GLY A 77 32.86 15.81 -25.45
N HIS A 78 32.99 15.72 -24.14
CA HIS A 78 31.94 15.15 -23.30
C HIS A 78 30.77 16.12 -23.24
N ARG A 79 29.62 15.72 -23.80
CA ARG A 79 28.48 16.63 -23.90
C ARG A 79 27.96 17.01 -22.52
N THR A 80 27.88 16.05 -21.61
CA THR A 80 27.50 16.30 -20.23
C THR A 80 28.46 15.55 -19.30
N LEU A 81 28.35 15.86 -18.01
CA LEU A 81 29.15 15.13 -17.02
C LEU A 81 28.77 13.66 -16.97
N GLN A 82 27.47 13.37 -17.12
CA GLN A 82 27.00 11.99 -17.06
C GLN A 82 27.39 11.21 -18.30
N SER A 83 27.30 11.83 -19.48
CA SER A 83 27.69 11.15 -20.71
C SER A 83 29.18 10.88 -20.73
N GLY A 84 29.98 11.77 -20.14
CA GLY A 84 31.41 11.54 -20.07
C GLY A 84 31.76 10.34 -19.19
N LEU A 85 31.09 10.21 -18.05
CA LEU A 85 31.35 9.09 -17.17
C LEU A 85 30.89 7.77 -17.78
N ARG A 86 29.79 7.79 -18.55
CA ARG A 86 29.32 6.56 -19.17
C ARG A 86 30.35 5.99 -20.14
N GLU A 87 31.07 6.85 -20.85
CA GLU A 87 32.10 6.38 -21.76
C GLU A 87 33.27 5.74 -21.01
N TRP A 88 33.59 6.25 -19.82
CA TRP A 88 34.65 5.63 -19.03
C TRP A 88 34.17 4.32 -18.41
N ILE A 89 32.91 4.25 -18.00
CA ILE A 89 32.36 3.00 -17.48
C ILE A 89 32.41 1.92 -18.56
N HIS A 90 32.02 2.26 -19.79
CA HIS A 90 31.98 1.28 -20.87
C HIS A 90 33.39 0.86 -21.28
N GLU A 91 34.30 1.83 -21.40
CA GLU A 91 35.66 1.51 -21.84
C GLU A 91 36.40 0.65 -20.84
N GLN A 92 36.09 0.78 -19.54
CA GLN A 92 36.85 0.11 -18.50
C GLN A 92 36.19 -1.16 -17.98
N THR A 93 34.87 -1.30 -18.12
CA THR A 93 34.19 -2.48 -17.59
C THR A 93 33.37 -3.19 -18.66
N HIS A 94 32.88 -2.44 -19.65
CA HIS A 94 31.97 -2.93 -20.67
C HIS A 94 30.70 -3.54 -20.07
N HIS A 95 30.36 -3.14 -18.85
CA HIS A 95 29.18 -3.60 -18.13
C HIS A 95 28.03 -2.62 -18.37
N PRO A 96 26.85 -3.10 -18.75
CA PRO A 96 25.73 -2.17 -18.97
C PRO A 96 25.36 -1.42 -17.72
N VAL A 97 24.91 -0.19 -17.90
CA VAL A 97 24.52 0.69 -16.80
C VAL A 97 23.20 1.37 -17.17
N GLY A 98 22.25 1.35 -16.24
CA GLY A 98 20.97 2.02 -16.47
C GLY A 98 21.02 3.49 -16.11
N TYR A 99 20.18 3.90 -15.17
CA TYR A 99 20.15 5.30 -14.76
C TYR A 99 21.34 5.63 -13.86
N LEU A 100 21.79 6.88 -13.95
CA LEU A 100 22.84 7.40 -13.10
C LEU A 100 22.33 8.61 -12.33
N GLU A 101 22.81 8.76 -11.10
CA GLU A 101 22.38 9.82 -10.20
C GLU A 101 23.61 10.49 -9.64
N GLN A 102 23.73 11.81 -9.83
CA GLN A 102 24.90 12.52 -9.35
C GLN A 102 24.95 12.53 -7.83
N LEU A 103 26.11 12.23 -7.27
CA LEU A 103 26.28 12.24 -5.83
C LEU A 103 26.67 13.62 -5.34
N TYR A 104 27.98 13.83 -5.14
CA TYR A 104 28.48 15.11 -4.68
C TYR A 104 29.82 15.38 -5.35
N THR A 105 30.27 16.62 -5.24
CA THR A 105 31.53 17.07 -5.80
C THR A 105 32.50 17.39 -4.68
N PHE A 106 33.71 16.84 -4.76
CA PHE A 106 34.75 17.09 -3.78
C PHE A 106 35.92 17.80 -4.44
N ALA A 107 36.62 18.62 -3.66
CA ALA A 107 37.79 19.35 -4.13
C ALA A 107 39.04 18.85 -3.41
N ASP A 108 40.19 19.18 -3.99
CA ASP A 108 41.45 18.76 -3.41
C ASP A 108 41.90 19.73 -2.32
N ARG A 109 42.78 19.23 -1.45
CA ARG A 109 43.50 20.06 -0.49
C ARG A 109 45.00 19.94 -0.70
N ASP A 110 45.42 19.78 -1.95
CA ASP A 110 46.82 19.55 -2.27
C ASP A 110 47.62 20.84 -2.08
N ARG A 111 48.88 20.81 -2.50
CA ARG A 111 49.82 21.91 -2.27
C ARG A 111 50.23 22.60 -3.56
N ASN A 112 50.82 21.87 -4.51
CA ASN A 112 51.31 22.46 -5.76
C ASN A 112 50.34 22.18 -6.89
N ASN A 113 49.11 22.68 -6.73
CA ASN A 113 48.12 22.61 -7.81
C ASN A 113 48.46 23.55 -8.95
N GLU A 114 49.26 24.59 -8.70
CA GLU A 114 49.68 25.49 -9.76
C GLU A 114 50.51 24.78 -10.81
N ILE A 115 51.16 23.67 -10.44
CA ILE A 115 51.86 22.85 -11.43
C ILE A 115 50.87 22.22 -12.39
N LEU A 116 49.65 21.94 -11.93
CA LEU A 116 48.63 21.33 -12.76
C LEU A 116 47.87 22.34 -13.60
N GLY A 117 48.08 23.63 -13.38
CA GLY A 117 47.32 24.67 -14.06
C GLY A 117 46.00 25.02 -13.40
N GLY A 118 45.50 24.17 -12.52
CA GLY A 118 44.23 24.45 -11.85
C GLY A 118 44.03 23.49 -10.69
N ARG A 119 42.89 23.65 -10.04
CA ARG A 119 42.54 22.76 -8.94
C ARG A 119 42.12 21.39 -9.47
N THR A 120 41.91 20.46 -8.55
CA THR A 120 41.47 19.11 -8.87
C THR A 120 40.18 18.83 -8.10
N ILE A 121 39.13 18.44 -8.84
CA ILE A 121 37.84 18.14 -8.24
C ILE A 121 37.41 16.74 -8.69
N SER A 122 36.54 16.13 -7.89
CA SER A 122 36.03 14.79 -8.13
C SER A 122 34.52 14.82 -8.09
N ILE A 123 33.88 14.29 -9.14
CA ILE A 123 32.44 14.27 -9.27
C ILE A 123 31.98 12.83 -9.32
N GLY A 124 31.12 12.44 -8.37
CA GLY A 124 30.66 11.07 -8.25
C GLY A 124 29.25 10.88 -8.76
N TYR A 125 28.96 9.63 -9.13
CA TYR A 125 27.64 9.22 -9.62
C TYR A 125 27.30 7.84 -9.07
N LEU A 126 26.02 7.63 -8.81
CA LEU A 126 25.52 6.37 -8.27
C LEU A 126 24.63 5.69 -9.30
N GLY A 127 24.84 4.39 -9.48
CA GLY A 127 24.02 3.61 -10.40
C GLY A 127 23.72 2.25 -9.84
N LEU A 128 22.52 1.76 -10.16
CA LEU A 128 22.05 0.45 -9.70
C LEU A 128 21.87 -0.46 -10.90
N VAL A 129 22.46 -1.66 -10.84
CA VAL A 129 22.39 -2.63 -11.93
C VAL A 129 22.26 -4.03 -11.35
N ARG A 130 22.06 -4.99 -12.25
CA ARG A 130 22.16 -6.41 -11.94
C ARG A 130 23.55 -6.91 -12.33
N GLU A 131 24.22 -7.56 -11.39
CA GLU A 131 25.59 -8.02 -11.65
C GLU A 131 25.60 -9.10 -12.72
N GLN A 132 26.59 -9.02 -13.61
CA GLN A 132 26.72 -9.93 -14.73
C GLN A 132 28.15 -10.44 -14.81
N GLU A 133 28.31 -11.76 -14.85
CA GLU A 133 29.61 -12.37 -15.06
C GLU A 133 29.95 -12.40 -16.55
N ALA A 134 31.23 -12.29 -16.86
CA ALA A 134 31.69 -12.31 -18.25
C ALA A 134 33.18 -12.60 -18.30
N PRO A 135 33.60 -13.88 -18.30
CA PRO A 135 35.01 -14.26 -18.43
C PRO A 135 35.53 -14.09 -19.86
N LYS A 138 36.73 -8.34 -21.50
CA LYS A 138 36.79 -7.21 -20.57
C LYS A 138 37.43 -7.64 -19.25
N SER A 139 37.81 -6.65 -18.43
CA SER A 139 38.43 -6.91 -17.14
C SER A 139 37.81 -5.98 -16.11
N ALA A 140 37.04 -6.54 -15.18
CA ALA A 140 36.41 -5.80 -14.09
C ALA A 140 35.99 -6.80 -13.03
N PHE A 141 36.01 -6.35 -11.77
CA PHE A 141 35.73 -7.23 -10.65
C PHE A 141 34.72 -6.59 -9.72
N TRP A 142 33.81 -7.40 -9.20
CA TRP A 142 32.81 -6.96 -8.23
C TRP A 142 33.29 -7.28 -6.82
N HIS A 143 33.26 -6.29 -5.95
CA HIS A 143 33.65 -6.45 -4.55
C HIS A 143 32.55 -5.93 -3.65
N GLY A 144 32.46 -6.53 -2.47
CA GLY A 144 31.41 -6.15 -1.54
C GLY A 144 31.66 -4.77 -0.95
N TRP A 145 30.55 -4.09 -0.61
CA TRP A 145 30.64 -2.80 0.06
C TRP A 145 31.50 -2.88 1.31
N TYR A 146 31.25 -3.91 2.13
CA TYR A 146 31.79 -3.97 3.48
C TYR A 146 33.20 -4.55 3.55
N GLU A 147 33.78 -4.92 2.41
CA GLU A 147 35.23 -5.12 2.37
C GLU A 147 35.96 -3.80 2.56
N TYR A 148 35.38 -2.70 2.06
CA TYR A 148 35.94 -1.38 2.25
C TYR A 148 35.36 -0.66 3.46
N PHE A 149 34.13 -0.99 3.85
CA PHE A 149 33.45 -0.36 4.98
C PHE A 149 32.90 -1.43 5.92
N PRO A 150 33.78 -2.16 6.62
CA PRO A 150 33.28 -3.20 7.53
C PRO A 150 32.49 -2.67 8.71
N TRP A 151 32.80 -1.45 9.17
CA TRP A 151 32.10 -0.87 10.31
C TRP A 151 30.70 -0.38 9.95
N GLU A 152 30.25 -0.54 8.71
CA GLU A 152 28.93 -0.10 8.29
C GLU A 152 27.89 -1.21 8.26
N ASP A 153 28.31 -2.47 8.40
CA ASP A 153 27.40 -3.61 8.37
C ASP A 153 27.08 -4.03 9.81
N HIS A 154 25.86 -3.74 10.25
CA HIS A 154 25.39 -4.10 11.58
C HIS A 154 24.28 -5.15 11.53
N ARG A 155 24.18 -5.91 10.43
CA ARG A 155 23.12 -6.90 10.31
C ARG A 155 23.29 -8.01 11.35
N GLN A 156 24.53 -8.38 11.67
CA GLN A 156 24.83 -9.37 12.69
C GLN A 156 25.22 -8.70 14.01
N GLY A 157 24.56 -7.60 14.36
CA GLY A 157 24.92 -6.82 15.51
C GLY A 157 26.04 -5.84 15.21
N ARG A 158 26.34 -5.01 16.21
CA ARG A 158 27.40 -4.03 16.07
C ARG A 158 28.74 -4.73 15.87
N PRO A 159 29.49 -4.40 14.82
CA PRO A 159 30.75 -5.13 14.57
C PRO A 159 31.80 -4.81 15.62
N ASP A 160 32.67 -5.81 15.84
CA ASP A 160 33.72 -5.68 16.86
C ASP A 160 34.80 -4.69 16.47
N ILE A 161 34.99 -4.43 15.17
CA ILE A 161 36.03 -3.51 14.72
C ILE A 161 35.77 -2.09 15.23
N LEU A 162 34.52 -1.77 15.57
CA LEU A 162 34.21 -0.43 16.07
C LEU A 162 34.85 -0.18 17.43
N ASP A 163 35.12 -1.23 18.21
CA ASP A 163 35.81 -1.05 19.48
C ASP A 163 37.22 -0.52 19.26
N SER A 164 37.93 -1.04 18.27
CA SER A 164 39.25 -0.52 17.94
C SER A 164 39.18 0.85 17.30
N ILE A 165 38.12 1.12 16.54
CA ILE A 165 37.97 2.42 15.90
C ILE A 165 37.67 3.49 16.94
N ILE A 166 36.74 3.22 17.85
CA ILE A 166 36.37 4.20 18.87
C ILE A 166 37.55 4.47 19.81
N ASP A 167 38.38 3.46 20.07
CA ASP A 167 39.56 3.66 20.90
C ASP A 167 40.52 4.66 20.26
N LYS A 168 40.92 4.41 19.02
CA LYS A 168 41.83 5.33 18.34
C LYS A 168 41.18 6.68 18.08
N LEU A 169 39.86 6.71 17.94
CA LEU A 169 39.17 7.98 17.75
C LEU A 169 39.19 8.82 19.03
N ARG A 170 39.09 8.17 20.18
CA ARG A 170 39.21 8.89 21.45
C ARG A 170 40.63 9.42 21.66
N ALA A 171 41.64 8.61 21.34
CA ALA A 171 43.02 9.05 21.50
C ALA A 171 43.31 10.26 20.61
N TRP A 172 42.73 10.29 19.42
CA TRP A 172 42.87 11.46 18.56
C TRP A 172 42.12 12.65 19.12
N ALA A 173 40.94 12.41 19.71
CA ALA A 173 40.15 13.52 20.26
C ALA A 173 40.81 14.13 21.50
N ASP A 174 41.53 13.33 22.27
CA ASP A 174 42.15 13.81 23.49
C ASP A 174 43.58 14.32 23.28
N SER A 175 44.08 14.28 22.04
CA SER A 175 45.48 14.66 21.81
C SER A 175 45.66 16.17 21.85
N GLU A 176 44.64 16.93 21.48
CA GLU A 176 44.70 18.39 21.44
C GLU A 176 43.56 18.96 22.27
N PRO A 177 43.84 19.46 23.47
CA PRO A 177 42.76 19.86 24.38
C PRO A 177 41.90 21.00 23.84
N ASP A 178 42.49 21.95 23.12
CA ASP A 178 41.72 23.09 22.62
C ASP A 178 40.63 22.66 21.64
N SER A 179 40.77 21.50 21.01
CA SER A 179 39.75 20.99 20.10
C SER A 179 39.15 19.67 20.59
N ARG A 180 39.41 19.28 21.84
CA ARG A 180 38.92 17.99 22.33
C ARG A 180 37.40 17.95 22.38
N ALA A 181 36.78 18.99 22.95
CA ALA A 181 35.33 18.98 23.13
C ALA A 181 34.61 18.87 21.78
N GLN A 182 35.05 19.65 20.79
CA GLN A 182 34.39 19.60 19.49
C GLN A 182 34.64 18.27 18.78
N ARG A 183 35.80 17.66 18.98
CA ARG A 183 36.08 16.39 18.34
C ARG A 183 35.26 15.26 18.95
N HIS A 184 35.04 15.31 20.26
CA HIS A 184 34.17 14.31 20.89
C HIS A 184 32.72 14.45 20.43
N LEU A 185 32.28 15.68 20.17
CA LEU A 185 30.92 15.87 19.65
C LEU A 185 30.78 15.27 18.25
N ARG A 186 31.82 15.42 17.42
CA ARG A 186 31.79 14.81 16.10
C ARG A 186 31.87 13.29 16.18
N ALA A 187 32.66 12.78 17.13
CA ALA A 187 32.79 11.33 17.30
C ALA A 187 31.50 10.72 17.84
N ASP A 188 30.81 11.44 18.73
CA ASP A 188 29.56 10.91 19.28
C ASP A 188 28.44 10.92 18.25
N PHE A 189 28.36 12.00 17.46
CA PHE A 189 27.28 12.13 16.49
C PHE A 189 27.44 11.15 15.33
N THR A 190 28.68 10.92 14.88
CA THR A 190 28.90 10.10 13.69
C THR A 190 28.87 8.61 14.02
N PHE A 191 29.58 8.20 15.07
CA PHE A 191 29.74 6.78 15.38
C PHE A 191 28.82 6.30 16.50
N GLY A 192 27.55 6.71 16.46
CA GLY A 192 26.52 6.11 17.30
C GLY A 192 26.60 6.38 18.78
N LEU A 193 27.69 6.98 19.27
CA LEU A 193 27.83 7.27 20.70
C LEU A 193 26.90 8.38 21.16
N ASP A 194 26.10 8.97 20.26
CA ASP A 194 25.32 10.15 20.59
C ASP A 194 24.30 9.87 21.68
N GLY A 195 23.72 8.68 21.68
CA GLY A 195 22.58 8.40 22.53
C GLY A 195 21.34 8.17 21.69
N GLY A 196 21.21 8.92 20.60
CA GLY A 196 20.20 8.65 19.61
C GLY A 196 20.44 7.35 18.86
N GLY A 197 21.65 6.81 18.94
CA GLY A 197 21.96 5.51 18.38
C GLY A 197 22.75 5.61 17.08
N TRP A 198 22.81 4.46 16.42
CA TRP A 198 23.52 4.36 15.15
C TRP A 198 22.67 4.93 14.03
N ASN A 199 23.23 5.87 13.28
CA ASN A 199 22.59 6.44 12.11
C ASN A 199 23.31 5.90 10.88
N GLU A 200 22.65 5.04 10.12
CA GLU A 200 23.31 4.41 8.98
C GLU A 200 23.51 5.38 7.82
N GLU A 201 22.85 6.53 7.82
CA GLU A 201 22.97 7.48 6.73
C GLU A 201 24.25 8.30 6.79
N LEU A 202 24.94 8.31 7.93
CA LEU A 202 26.14 9.13 8.11
C LEU A 202 27.41 8.42 7.67
N THR A 203 27.37 7.68 6.57
CA THR A 203 28.54 6.92 6.13
C THR A 203 29.68 7.86 5.72
N LEU A 204 29.36 8.93 4.98
CA LEU A 204 30.40 9.84 4.54
C LEU A 204 30.98 10.64 5.70
N GLN A 205 30.11 11.14 6.59
CA GLN A 205 30.59 11.91 7.73
C GLN A 205 31.45 11.05 8.65
N ARG A 206 31.16 9.75 8.76
CA ARG A 206 32.01 8.87 9.54
C ARG A 206 33.38 8.70 8.88
N TYR A 207 33.40 8.48 7.55
CA TYR A 207 34.66 8.29 6.86
C TYR A 207 35.50 9.56 6.86
N GLU A 208 34.85 10.72 6.69
CA GLU A 208 35.60 11.98 6.70
C GLU A 208 36.24 12.22 8.06
N LEU A 209 35.57 11.83 9.15
CA LEU A 209 36.17 11.95 10.47
C LEU A 209 37.35 10.99 10.62
N LEU A 210 37.21 9.76 10.13
CA LEU A 210 38.32 8.81 10.18
C LEU A 210 39.52 9.31 9.37
N TYR A 211 39.27 10.04 8.28
CA TYR A 211 40.37 10.57 7.47
C TYR A 211 41.09 11.68 8.20
N GLU A 212 40.34 12.64 8.75
CA GLU A 212 40.95 13.72 9.51
C GLU A 212 41.69 13.20 10.73
N ALA A 213 41.17 12.13 11.35
CA ALA A 213 41.85 11.53 12.49
C ALA A 213 43.04 10.65 12.08
N GLY A 214 43.26 10.47 10.79
CA GLY A 214 44.36 9.64 10.32
C GLY A 214 44.18 8.16 10.61
N LEU A 215 42.96 7.65 10.48
CA LEU A 215 42.64 6.27 10.79
C LEU A 215 42.37 5.44 9.55
N VAL A 216 42.62 5.96 8.36
CA VAL A 216 42.50 5.21 7.12
C VAL A 216 43.79 5.39 6.31
N GLY A 217 44.10 4.37 5.49
CA GLY A 217 45.34 4.40 4.74
C GLY A 217 45.47 5.60 3.83
N GLU A 218 44.34 6.13 3.34
CA GLU A 218 44.38 7.28 2.45
C GLU A 218 44.89 8.54 3.14
N ALA A 219 44.94 8.55 4.47
CA ALA A 219 45.42 9.72 5.22
C ALA A 219 46.94 9.81 5.26
N GLN A 220 47.64 8.68 5.13
CA GLN A 220 49.10 8.64 5.18
C GLN A 220 49.62 9.27 6.47
N SER A 221 49.04 8.84 7.59
CA SER A 221 49.44 9.37 8.89
C SER A 221 50.87 8.96 9.22
N GLU A 222 51.47 9.68 10.17
CA GLU A 222 52.86 9.39 10.55
C GLU A 222 53.04 7.97 11.07
N PRO A 223 52.21 7.47 12.01
CA PRO A 223 52.10 6.02 12.16
C PRO A 223 50.89 5.50 11.40
N ARG A 224 51.10 4.63 10.43
CA ARG A 224 50.02 4.20 9.54
C ARG A 224 48.97 3.42 10.30
N ILE A 225 47.75 3.92 10.30
CA ILE A 225 46.58 3.26 10.90
C ILE A 225 45.48 3.21 9.85
N ASN A 226 44.88 2.03 9.69
CA ASN A 226 43.88 1.86 8.64
C ASN A 226 42.83 0.85 9.08
N PHE A 227 41.58 1.12 8.72
CA PHE A 227 40.48 0.18 8.88
C PHE A 227 39.80 -0.02 7.54
N GLY A 228 39.47 -1.27 7.23
CA GLY A 228 38.88 -1.59 5.95
C GLY A 228 39.90 -1.57 4.83
N ARG A 229 39.47 -2.08 3.67
CA ARG A 229 40.34 -2.08 2.51
C ARG A 229 40.40 -0.68 1.90
N PRO A 230 41.58 -0.10 1.76
CA PRO A 230 41.68 1.23 1.15
C PRO A 230 41.46 1.16 -0.36
N PHE A 232 42.03 3.46 -4.36
CA PHE A 232 42.87 4.38 -5.12
C PHE A 232 42.34 5.80 -4.99
N ALA A 233 43.24 6.74 -4.72
CA ALA A 233 42.96 8.18 -4.65
C ALA A 233 41.88 8.40 -3.60
N ASP A 234 40.77 9.08 -3.92
CA ASP A 234 39.72 9.38 -2.96
C ASP A 234 38.46 8.56 -3.21
N HIS A 235 38.59 7.40 -3.87
CA HIS A 235 37.41 6.67 -4.32
C HIS A 235 36.62 6.10 -3.14
N ARG A 236 37.28 5.84 -2.01
CA ARG A 236 36.54 5.36 -0.85
C ARG A 236 35.69 6.48 -0.25
N ARG A 237 36.10 7.74 -0.44
CA ARG A 237 35.23 8.85 -0.08
C ARG A 237 34.02 8.90 -1.00
N ILE A 238 34.20 8.55 -2.28
CA ILE A 238 33.09 8.55 -3.23
C ILE A 238 32.13 7.41 -2.93
N LEU A 239 32.66 6.23 -2.58
CA LEU A 239 31.82 5.09 -2.27
C LEU A 239 30.97 5.36 -1.03
N ALA A 240 31.56 6.00 -0.01
CA ALA A 240 30.79 6.34 1.18
C ALA A 240 29.66 7.30 0.88
N THR A 241 29.84 8.18 -0.11
CA THR A 241 28.76 9.07 -0.52
C THR A 241 27.64 8.28 -1.19
N GLY A 242 27.98 7.32 -2.05
CA GLY A 242 26.97 6.53 -2.71
C GLY A 242 26.21 5.63 -1.75
N ILE A 243 26.90 5.09 -0.74
CA ILE A 243 26.24 4.27 0.27
C ILE A 243 25.25 5.11 1.07
N ALA A 244 25.67 6.33 1.46
CA ALA A 244 24.78 7.20 2.21
C ALA A 244 23.56 7.61 1.39
N ARG A 245 23.76 7.84 0.08
CA ARG A 245 22.64 8.20 -0.78
C ARG A 245 21.62 7.09 -0.86
N LEU A 246 22.09 5.85 -1.08
CA LEU A 246 21.18 4.72 -1.21
C LEU A 246 20.41 4.46 0.08
N ARG A 247 21.09 4.56 1.23
CA ARG A 247 20.42 4.33 2.50
C ARG A 247 19.39 5.40 2.81
N ALA A 248 19.66 6.64 2.41
CA ALA A 248 18.66 7.69 2.61
C ALA A 248 17.48 7.52 1.65
N LYS A 249 17.72 6.96 0.47
CA LYS A 249 16.64 6.75 -0.49
C LYS A 249 15.73 5.61 -0.07
N ILE A 250 16.31 4.49 0.38
CA ILE A 250 15.50 3.32 0.71
C ILE A 250 14.72 3.56 2.01
N LYS A 251 15.21 4.42 2.89
CA LYS A 251 14.48 4.72 4.12
C LYS A 251 13.17 5.42 3.83
N TYR A 252 13.13 6.27 2.80
CA TYR A 252 11.95 7.06 2.45
C TYR A 252 11.15 6.44 1.32
N ARG A 253 11.80 5.89 0.30
CA ARG A 253 11.10 5.32 -0.85
C ARG A 253 12.02 4.37 -1.60
N PRO A 254 12.04 3.09 -1.22
CA PRO A 254 13.00 2.15 -1.85
C PRO A 254 12.64 1.80 -3.29
N VAL A 255 12.99 2.70 -4.22
CA VAL A 255 12.82 2.44 -5.65
C VAL A 255 14.11 1.75 -6.11
N VAL A 256 14.13 0.43 -5.99
CA VAL A 256 15.34 -0.34 -6.27
C VAL A 256 15.05 -1.43 -7.31
N PHE A 257 14.20 -1.12 -8.29
CA PHE A 257 13.86 -2.11 -9.30
C PHE A 257 15.07 -2.51 -10.14
N GLU A 258 16.03 -1.59 -10.31
CA GLU A 258 17.24 -1.92 -11.05
C GLU A 258 18.10 -2.95 -10.32
N LEU A 259 17.98 -3.06 -9.00
CA LEU A 259 18.73 -4.05 -8.24
C LEU A 259 18.06 -5.40 -8.21
N ALA A 261 15.48 -8.59 -9.73
CA ALA A 261 15.05 -9.21 -10.97
C ALA A 261 13.66 -8.68 -11.35
N ASP A 262 13.17 -9.13 -12.50
CA ASP A 262 11.87 -8.65 -12.98
C ASP A 262 10.76 -9.02 -12.00
N SER A 263 10.85 -10.20 -11.40
CA SER A 263 9.91 -10.62 -10.37
C SER A 263 10.70 -11.12 -9.16
N PHE A 264 10.11 -10.92 -7.98
CA PHE A 264 10.79 -11.23 -6.73
C PHE A 264 9.76 -11.40 -5.63
N THR A 265 10.14 -12.12 -4.59
CA THR A 265 9.32 -12.26 -3.41
C THR A 265 9.55 -11.09 -2.46
N LEU A 266 8.65 -10.93 -1.49
CA LEU A 266 8.81 -9.87 -0.51
C LEU A 266 9.99 -10.12 0.41
N LEU A 267 10.33 -11.40 0.65
CA LEU A 267 11.49 -11.70 1.48
C LEU A 267 12.79 -11.34 0.77
N GLN A 268 12.83 -11.52 -0.56
CA GLN A 268 14.01 -11.12 -1.32
C GLN A 268 14.19 -9.62 -1.30
N LEU A 269 13.09 -8.87 -1.40
CA LEU A 269 13.18 -7.41 -1.32
C LEU A 269 13.65 -6.95 0.05
N GLN A 270 13.15 -7.59 1.11
CA GLN A 270 13.57 -7.21 2.46
C GLN A 270 15.06 -7.49 2.67
N ARG A 271 15.54 -8.63 2.19
CA ARG A 271 16.97 -8.94 2.32
C ARG A 271 17.82 -7.96 1.52
N ALA A 272 17.29 -7.43 0.42
CA ALA A 272 18.04 -6.47 -0.39
C ALA A 272 18.19 -5.14 0.34
N ILE A 273 17.07 -4.63 0.89
CA ILE A 273 17.13 -3.38 1.64
C ILE A 273 18.03 -3.53 2.87
N GLU A 274 17.96 -4.69 3.52
CA GLU A 274 18.79 -4.92 4.70
C GLU A 274 20.27 -4.92 4.35
N ALA A 275 20.62 -5.51 3.20
CA ALA A 275 22.01 -5.50 2.77
C ALA A 275 22.48 -4.09 2.45
N LEU A 276 21.60 -3.26 1.88
CA LEU A 276 21.97 -1.88 1.56
C LEU A 276 22.13 -1.04 2.81
N ALA A 277 21.27 -1.25 3.81
CA ALA A 277 21.29 -0.45 5.03
C ALA A 277 22.29 -0.94 6.05
N GLY A 278 22.76 -2.18 5.95
CA GLY A 278 23.60 -2.73 7.00
C GLY A 278 22.85 -2.94 8.29
N LEU A 279 21.53 -3.14 8.22
CA LEU A 279 20.68 -3.32 9.39
C LEU A 279 19.61 -4.34 9.06
N THR A 280 19.00 -4.90 10.10
CA THR A 280 17.87 -5.80 9.94
C THR A 280 16.58 -5.01 9.98
N LEU A 281 15.70 -5.27 9.01
CA LEU A 281 14.45 -4.53 8.89
C LEU A 281 13.43 -5.01 9.91
N HIS A 282 12.56 -4.10 10.32
CA HIS A 282 11.32 -4.47 11.00
C HIS A 282 10.35 -4.96 9.93
N LYS A 283 10.06 -6.27 9.93
CA LYS A 283 9.33 -6.88 8.82
C LYS A 283 7.97 -6.21 8.62
N GLN A 284 7.21 -6.05 9.70
CA GLN A 284 5.86 -5.51 9.56
C GLN A 284 5.90 -4.04 9.13
N ASN A 285 6.84 -3.26 9.67
CA ASN A 285 6.96 -1.87 9.26
C ASN A 285 7.44 -1.75 7.82
N PHE A 286 8.28 -2.67 7.36
CA PHE A 286 8.73 -2.65 5.98
C PHE A 286 7.61 -3.01 5.03
N ARG A 287 6.83 -4.04 5.36
CA ARG A 287 5.67 -4.40 4.55
C ARG A 287 4.66 -3.27 4.48
N ARG A 288 4.46 -2.58 5.61
CA ARG A 288 3.52 -1.46 5.62
C ARG A 288 4.04 -0.29 4.80
N LEU A 289 5.36 -0.09 4.75
CA LEU A 289 5.91 1.06 4.04
C LEU A 289 5.76 0.89 2.52
N ILE A 290 6.10 -0.29 2.00
CA ILE A 290 6.01 -0.50 0.56
C ILE A 290 4.57 -0.55 0.07
N GLU A 291 3.61 -0.82 0.96
CA GLU A 291 2.21 -0.80 0.56
C GLU A 291 1.65 0.62 0.54
N GLN A 292 2.02 1.43 1.53
CA GLN A 292 1.60 2.84 1.54
C GLN A 292 2.16 3.56 0.33
N GLN A 293 3.42 3.29 -0.04
CA GLN A 293 4.06 3.93 -1.18
C GLN A 293 3.59 3.36 -2.51
N GLN A 294 2.89 2.23 -2.52
CA GLN A 294 2.39 1.59 -3.74
C GLN A 294 3.54 1.33 -4.72
N LEU A 295 4.47 0.48 -4.30
CA LEU A 295 5.69 0.24 -5.04
C LEU A 295 5.69 -1.08 -5.81
N VAL A 296 5.21 -2.16 -5.20
CA VAL A 296 5.29 -3.49 -5.80
C VAL A 296 3.90 -4.09 -5.87
N GLU A 297 3.61 -4.78 -6.98
CA GLU A 297 2.33 -5.44 -7.19
C GLU A 297 2.55 -6.92 -7.48
N GLU A 298 1.54 -7.72 -7.17
CA GLU A 298 1.61 -9.16 -7.44
C GLU A 298 1.65 -9.43 -8.94
N THR A 299 2.53 -10.33 -9.34
CA THR A 299 2.63 -10.74 -10.74
C THR A 299 1.67 -11.85 -11.10
N GLY A 300 1.11 -12.55 -10.11
CA GLY A 300 0.24 -13.68 -10.36
C GLY A 300 0.92 -15.02 -10.32
N ASP A 301 2.25 -15.06 -10.40
CA ASP A 301 3.02 -16.29 -10.38
C ASP A 301 3.52 -16.59 -8.97
N ALA A 303 6.57 -18.74 -6.43
CA ALA A 303 7.93 -19.22 -6.34
C ALA A 303 8.08 -20.05 -5.08
N THR A 304 8.92 -21.08 -5.15
CA THR A 304 9.19 -21.96 -4.03
C THR A 304 10.53 -21.59 -3.42
N GLU A 305 10.54 -21.27 -2.12
CA GLU A 305 11.74 -20.81 -1.44
C GLU A 305 12.68 -21.99 -1.18
N THR A 306 13.74 -21.73 -0.41
CA THR A 306 14.72 -22.77 -0.11
C THR A 306 14.12 -23.84 0.79
N GLY A 307 13.41 -23.42 1.84
CA GLY A 307 12.80 -24.37 2.75
C GLY A 307 11.70 -25.20 2.09
N GLY A 308 11.04 -24.65 1.09
CA GLY A 308 10.01 -25.37 0.34
C GLY A 308 8.66 -24.70 0.33
N ARG A 309 8.44 -23.62 1.08
CA ARG A 309 7.13 -23.00 1.07
C ARG A 309 7.00 -22.05 -0.11
N PRO A 310 5.81 -21.99 -0.71
CA PRO A 310 5.59 -21.05 -1.82
C PRO A 310 5.32 -19.64 -1.31
N ALA A 311 5.61 -18.67 -2.18
CA ALA A 311 5.42 -17.27 -1.84
C ALA A 311 5.10 -16.48 -3.10
N LYS A 312 4.23 -15.48 -2.95
CA LYS A 312 3.84 -14.65 -4.08
C LYS A 312 5.04 -13.91 -4.66
N LEU A 313 5.10 -13.84 -5.98
CA LEU A 313 6.10 -13.04 -6.68
C LEU A 313 5.57 -11.64 -6.92
N PHE A 314 6.44 -10.65 -6.76
CA PHE A 314 6.07 -9.25 -6.90
C PHE A 314 6.99 -8.59 -7.93
N ARG A 315 6.51 -7.48 -8.48
CA ARG A 315 7.29 -6.63 -9.37
C ARG A 315 6.97 -5.18 -9.05
N PHE A 316 7.95 -4.31 -9.26
CA PHE A 316 7.71 -2.88 -9.13
C PHE A 316 6.73 -2.44 -10.21
N ARG A 317 5.58 -1.93 -9.79
CA ARG A 317 4.52 -1.60 -10.73
C ARG A 317 5.00 -0.54 -11.72
N GLN A 318 4.32 -0.51 -12.88
CA GLN A 318 4.82 0.25 -14.03
C GLN A 318 4.95 1.73 -13.71
N THR A 319 4.05 2.28 -12.90
CA THR A 319 4.10 3.70 -12.58
C THR A 319 5.43 4.09 -11.93
N VAL A 320 6.02 3.16 -11.17
CA VAL A 320 7.32 3.43 -10.57
C VAL A 320 8.40 3.48 -11.65
N LEU A 321 8.31 2.59 -12.64
CA LEU A 321 9.29 2.61 -13.73
C LEU A 321 9.17 3.88 -14.57
N ASP A 322 7.94 4.34 -14.81
CA ASP A 322 7.73 5.49 -15.67
C ASP A 322 8.18 6.78 -14.98
N GLU A 323 8.00 6.87 -13.66
CA GLU A 323 8.43 8.07 -12.95
C GLU A 323 9.95 8.23 -13.00
N ARG A 324 10.68 7.13 -12.80
CA ARG A 324 12.14 7.20 -12.85
C ARG A 324 12.63 7.52 -14.25
N ALA A 325 11.88 7.13 -15.28
CA ALA A 325 12.26 7.37 -16.66
C ALA A 325 12.09 8.83 -17.06
N LEU A 326 11.09 9.52 -16.53
CA LEU A 326 10.79 10.90 -16.92
C LEU A 326 11.63 11.88 -16.10
N SER A 327 12.95 11.76 -16.29
CA SER A 327 13.91 12.63 -15.63
C SER A 327 15.26 12.49 -16.33
N GLY A 328 15.95 13.63 -16.49
CA GLY A 328 17.27 13.64 -17.09
C GLY A 328 17.32 13.08 -18.50
N TYR B 26 57.11 14.95 -36.14
CA TYR B 26 58.39 14.70 -36.80
C TYR B 26 59.44 14.30 -35.76
N ASP B 27 60.35 13.42 -36.18
CA ASP B 27 61.30 12.76 -35.26
C ASP B 27 60.56 11.98 -34.18
N ASP B 28 59.53 11.23 -34.61
CA ASP B 28 58.76 10.34 -33.76
C ASP B 28 58.07 11.07 -32.62
N ASP B 29 56.94 11.70 -32.91
CA ASP B 29 56.04 12.24 -31.89
C ASP B 29 54.83 11.31 -31.85
N ASP B 30 54.91 10.27 -31.01
CA ASP B 30 53.89 9.25 -30.94
C ASP B 30 52.57 9.83 -30.43
N LYS B 31 51.51 9.02 -30.51
CA LYS B 31 50.20 9.47 -30.07
C LYS B 31 50.16 9.61 -28.56
N ASP B 32 50.13 8.50 -27.83
CA ASP B 32 50.20 8.52 -26.38
C ASP B 32 51.64 8.31 -25.93
N HIS B 33 51.98 8.91 -24.78
CA HIS B 33 53.35 8.90 -24.29
C HIS B 33 53.36 8.70 -22.78
N PRO B 34 54.03 7.67 -22.27
CA PRO B 34 54.02 7.45 -20.81
C PRO B 34 54.65 8.57 -20.02
N PHE B 35 55.65 9.26 -20.58
CA PHE B 35 56.30 10.38 -19.91
C PHE B 35 55.65 11.72 -20.25
N THR B 36 54.38 11.71 -20.64
CA THR B 36 53.64 12.92 -20.96
C THR B 36 52.19 12.72 -20.56
N VAL B 37 51.70 13.54 -19.64
CA VAL B 37 50.32 13.48 -19.18
C VAL B 37 49.63 14.77 -19.58
N THR B 38 48.61 14.66 -20.42
CA THR B 38 47.82 15.81 -20.85
C THR B 38 46.57 15.90 -19.97
N ILE B 39 46.46 16.99 -19.22
CA ILE B 39 45.38 17.18 -18.26
C ILE B 39 44.39 18.19 -18.84
N GLY B 40 43.12 17.81 -18.88
CA GLY B 40 42.09 18.74 -19.33
C GLY B 40 41.63 19.65 -18.21
N LEU B 41 41.50 20.94 -18.53
CA LEU B 41 41.08 21.95 -17.58
C LEU B 41 39.78 22.60 -18.05
N ALA B 42 39.03 23.12 -17.08
CA ALA B 42 37.78 23.80 -17.37
C ALA B 42 37.52 24.83 -16.27
N HIS B 43 36.71 25.82 -16.60
CA HIS B 43 36.37 26.86 -15.63
C HIS B 43 35.49 26.28 -14.52
N ALA B 44 35.90 26.49 -13.27
CA ALA B 44 35.16 26.02 -12.11
C ALA B 44 34.49 27.22 -11.45
N GLU B 45 33.15 27.24 -11.45
CA GLU B 45 32.37 28.36 -10.94
C GLU B 45 31.56 27.92 -9.74
N LEU B 46 31.73 28.62 -8.62
CA LEU B 46 30.92 28.41 -7.43
C LEU B 46 29.75 29.38 -7.47
N ILE B 47 28.52 28.84 -7.37
CA ILE B 47 27.31 29.63 -7.47
C ILE B 47 26.49 29.45 -6.19
N ALA B 48 25.96 30.54 -5.67
CA ALA B 48 25.28 30.55 -4.39
C ALA B 48 23.80 30.84 -4.57
N VAL B 49 22.97 30.00 -3.94
CA VAL B 49 21.53 30.22 -3.87
C VAL B 49 21.20 30.45 -2.40
N VAL B 50 21.12 31.70 -2.00
CA VAL B 50 20.83 32.08 -0.62
C VAL B 50 19.37 32.52 -0.56
N THR B 51 18.55 31.75 0.16
CA THR B 51 17.11 31.96 0.22
C THR B 51 16.70 32.51 1.57
N ALA B 52 15.81 33.51 1.54
CA ALA B 52 15.18 34.05 2.74
C ALA B 52 13.69 34.20 2.50
N ILE B 53 12.93 34.21 3.59
CA ILE B 53 11.48 34.34 3.54
C ILE B 53 11.11 35.68 4.18
N THR B 54 10.50 36.55 3.40
CA THR B 54 10.11 37.89 3.86
C THR B 54 8.69 38.17 3.41
N THR B 55 7.81 38.49 4.36
CA THR B 55 6.40 38.76 4.09
C THR B 55 5.74 37.60 3.34
N ASP B 56 6.05 36.38 3.79
CA ASP B 56 5.49 35.15 3.22
C ASP B 56 5.79 35.04 1.73
N GLU B 57 6.97 35.48 1.33
CA GLU B 57 7.42 35.38 -0.06
C GLU B 57 8.84 34.83 -0.08
N PRO B 58 9.10 33.71 -0.76
CA PRO B 58 10.47 33.20 -0.85
C PRO B 58 11.30 34.10 -1.75
N ARG B 59 12.47 34.49 -1.25
CA ARG B 59 13.31 35.46 -1.94
C ARG B 59 14.74 34.97 -2.00
N VAL B 60 15.42 35.26 -3.10
CA VAL B 60 16.75 34.74 -3.38
C VAL B 60 17.71 35.90 -3.53
N THR B 62 20.57 38.01 -5.08
CA THR B 62 20.98 38.22 -6.45
C THR B 62 22.00 39.36 -6.52
N VAL B 63 22.67 39.45 -7.66
CA VAL B 63 23.58 40.54 -8.00
C VAL B 63 23.27 40.99 -9.43
N ARG B 64 23.98 42.04 -9.86
CA ARG B 64 23.82 42.60 -11.21
C ARG B 64 22.36 42.97 -11.48
N GLU B 65 21.74 43.64 -10.52
CA GLU B 65 20.35 44.09 -10.62
C GLU B 65 19.40 42.93 -10.89
N GLY B 66 19.59 41.83 -10.17
CA GLY B 66 18.71 40.68 -10.28
C GLY B 66 18.93 39.81 -11.50
N ALA B 67 20.02 39.99 -12.23
CA ALA B 67 20.28 39.20 -13.42
C ALA B 67 21.16 37.98 -13.16
N ALA B 68 21.80 37.90 -11.99
CA ALA B 68 22.70 36.81 -11.70
C ALA B 68 22.71 36.52 -10.21
N LEU B 69 23.09 35.30 -9.87
CA LEU B 69 23.34 34.86 -8.50
C LEU B 69 24.76 35.20 -8.10
N PRO B 70 25.03 35.32 -6.79
CA PRO B 70 26.41 35.51 -6.35
C PRO B 70 27.25 34.32 -6.77
N SER B 71 28.35 34.60 -7.48
CA SER B 71 29.18 33.54 -8.02
C SER B 71 30.62 34.02 -8.11
N GLY B 72 31.52 33.08 -8.37
CA GLY B 72 32.92 33.36 -8.50
C GLY B 72 33.72 32.10 -8.79
N PRO B 73 34.90 32.26 -9.39
CA PRO B 73 35.71 31.09 -9.72
C PRO B 73 36.30 30.43 -8.48
N PHE B 74 36.58 29.13 -8.60
CA PHE B 74 37.26 28.38 -7.57
C PHE B 74 38.77 28.49 -7.80
N GLU B 75 39.47 29.14 -6.88
CA GLU B 75 40.85 29.53 -7.07
C GLU B 75 41.79 28.74 -6.18
N PHE B 76 43.09 28.92 -6.42
CA PHE B 76 44.10 28.19 -5.65
C PHE B 76 44.07 28.59 -4.17
N GLY B 77 43.80 29.86 -3.88
CA GLY B 77 43.80 30.33 -2.52
C GLY B 77 42.62 29.86 -1.69
N HIS B 78 41.61 29.28 -2.32
CA HIS B 78 40.43 28.83 -1.60
C HIS B 78 40.71 27.49 -0.93
N ARG B 79 40.60 27.45 0.40
CA ARG B 79 40.86 26.21 1.14
C ARG B 79 39.86 25.13 0.74
N THR B 80 38.58 25.46 0.71
CA THR B 80 37.53 24.54 0.31
C THR B 80 36.61 25.21 -0.71
N LEU B 81 35.74 24.41 -1.31
CA LEU B 81 34.71 24.98 -2.19
C LEU B 81 33.78 25.90 -1.41
N GLN B 82 33.37 25.48 -0.21
CA GLN B 82 32.46 26.29 0.58
C GLN B 82 33.10 27.61 1.00
N SER B 83 34.34 27.55 1.50
CA SER B 83 35.02 28.78 1.91
C SER B 83 35.27 29.70 0.73
N GLY B 84 35.53 29.13 -0.45
CA GLY B 84 35.70 29.97 -1.62
C GLY B 84 34.43 30.70 -2.01
N LEU B 85 33.28 30.02 -1.93
CA LEU B 85 32.01 30.66 -2.22
C LEU B 85 31.66 31.69 -1.16
N ARG B 86 32.01 31.43 0.10
CA ARG B 86 31.72 32.38 1.17
C ARG B 86 32.45 33.71 0.96
N GLU B 87 33.64 33.66 0.33
CA GLU B 87 34.32 34.90 0.00
C GLU B 87 33.57 35.68 -1.08
N TRP B 88 33.05 34.98 -2.08
CA TRP B 88 32.32 35.66 -3.15
C TRP B 88 31.00 36.22 -2.66
N ILE B 89 30.31 35.49 -1.77
CA ILE B 89 29.08 36.00 -1.18
C ILE B 89 29.38 37.28 -0.40
N HIS B 90 30.48 37.28 0.35
CA HIS B 90 30.83 38.44 1.16
C HIS B 90 31.23 39.63 0.27
N GLU B 91 32.10 39.40 -0.71
CA GLU B 91 32.56 40.49 -1.55
C GLU B 91 31.42 41.11 -2.36
N GLN B 92 30.44 40.31 -2.75
CA GLN B 92 29.40 40.77 -3.67
C GLN B 92 28.09 41.14 -2.98
N THR B 93 27.91 40.78 -1.71
CA THR B 93 26.65 41.09 -1.03
C THR B 93 26.90 41.70 0.35
N HIS B 94 27.99 41.31 1.00
CA HIS B 94 28.27 41.68 2.39
C HIS B 94 27.16 41.28 3.35
N HIS B 95 26.35 40.29 2.96
CA HIS B 95 25.26 39.76 3.77
C HIS B 95 25.70 38.47 4.43
N PRO B 96 25.59 38.35 5.75
CA PRO B 96 26.08 37.14 6.42
C PRO B 96 25.21 35.92 6.10
N VAL B 97 25.87 34.78 5.94
CA VAL B 97 25.19 33.51 5.69
C VAL B 97 25.60 32.51 6.75
N GLY B 98 24.72 31.54 6.98
CA GLY B 98 24.98 30.52 7.98
C GLY B 98 25.49 29.23 7.37
N TYR B 99 24.71 28.16 7.50
CA TYR B 99 25.09 26.88 6.94
C TYR B 99 24.83 26.84 5.43
N LEU B 100 25.64 26.04 4.74
CA LEU B 100 25.49 25.84 3.31
C LEU B 100 25.42 24.35 3.02
N GLU B 101 24.73 24.00 1.95
CA GLU B 101 24.67 22.61 1.50
C GLU B 101 24.81 22.58 -0.01
N GLN B 102 25.64 21.67 -0.50
CA GLN B 102 25.90 21.60 -1.93
C GLN B 102 24.66 21.10 -2.67
N LEU B 103 24.39 21.70 -3.83
CA LEU B 103 23.22 21.36 -4.62
C LEU B 103 23.56 20.35 -5.72
N TYR B 104 23.79 20.85 -6.92
CA TYR B 104 24.09 20.03 -8.08
C TYR B 104 25.28 20.63 -8.82
N THR B 105 25.98 19.78 -9.56
CA THR B 105 27.13 20.20 -10.37
C THR B 105 26.76 20.05 -11.85
N PHE B 106 26.89 21.15 -12.60
CA PHE B 106 26.49 21.18 -14.00
C PHE B 106 27.69 21.49 -14.89
N ALA B 107 27.66 20.91 -16.08
CA ALA B 107 28.54 21.31 -17.17
C ALA B 107 27.80 22.29 -18.07
N ASP B 108 28.55 23.25 -18.62
CA ASP B 108 27.94 24.33 -19.38
C ASP B 108 27.21 23.80 -20.62
N ARG B 109 26.29 24.61 -21.13
CA ARG B 109 25.59 24.32 -22.37
C ARG B 109 25.78 25.44 -23.39
N ASP B 110 26.95 26.07 -23.37
CA ASP B 110 27.26 27.16 -24.28
C ASP B 110 27.39 26.67 -25.72
N GLY B 117 29.33 21.49 -20.91
CA GLY B 117 29.85 20.36 -21.65
C GLY B 117 31.16 20.67 -22.32
N GLY B 118 31.69 21.87 -22.05
CA GLY B 118 32.92 22.29 -22.66
C GLY B 118 33.89 22.96 -21.71
N ARG B 119 33.69 24.26 -21.45
CA ARG B 119 34.68 25.05 -20.74
C ARG B 119 34.34 25.29 -19.27
N THR B 120 33.07 25.24 -18.88
CA THR B 120 32.63 25.70 -17.57
C THR B 120 31.94 24.60 -16.79
N ILE B 121 32.40 24.37 -15.56
CA ILE B 121 31.74 23.48 -14.60
C ILE B 121 31.25 24.34 -13.45
N SER B 122 29.97 24.26 -13.15
CA SER B 122 29.34 25.09 -12.13
C SER B 122 28.92 24.23 -10.94
N ILE B 123 29.21 24.71 -9.74
CA ILE B 123 28.89 24.03 -8.50
C ILE B 123 28.02 24.96 -7.67
N GLY B 124 26.83 24.49 -7.29
CA GLY B 124 25.86 25.31 -6.58
C GLY B 124 25.75 24.94 -5.12
N TYR B 125 25.39 25.92 -4.30
CA TYR B 125 25.19 25.71 -2.87
C TYR B 125 23.92 26.42 -2.43
N LEU B 126 23.23 25.83 -1.47
CA LEU B 126 22.00 26.38 -0.92
C LEU B 126 22.25 26.89 0.49
N GLY B 127 21.72 28.06 0.79
CA GLY B 127 21.82 28.64 2.12
C GLY B 127 20.49 29.22 2.55
N LEU B 128 20.22 29.12 3.84
CA LEU B 128 19.02 29.67 4.45
C LEU B 128 19.43 30.74 5.45
N VAL B 129 18.91 31.96 5.27
CA VAL B 129 19.25 33.10 6.12
C VAL B 129 17.99 33.88 6.43
N ARG B 130 18.13 34.84 7.35
CA ARG B 130 17.11 35.83 7.63
C ARG B 130 17.50 37.14 6.97
N GLU B 131 16.55 37.73 6.23
CA GLU B 131 16.83 38.95 5.49
C GLU B 131 17.04 40.12 6.45
N GLN B 132 18.16 40.82 6.29
CA GLN B 132 18.48 41.96 7.15
C GLN B 132 19.16 43.06 6.36
N TRP B 142 17.51 41.82 -2.89
CA TRP B 142 16.70 40.61 -2.83
C TRP B 142 15.59 40.62 -3.87
N HIS B 143 15.46 39.53 -4.61
CA HIS B 143 14.37 39.32 -5.55
C HIS B 143 13.59 38.07 -5.16
N GLY B 144 12.35 38.00 -5.63
CA GLY B 144 11.50 36.86 -5.30
C GLY B 144 11.77 35.67 -6.20
N TRP B 145 11.54 34.47 -5.63
CA TRP B 145 11.63 33.24 -6.41
C TRP B 145 10.77 33.30 -7.66
N TYR B 146 9.51 33.71 -7.49
CA TYR B 146 8.51 33.61 -8.53
C TYR B 146 8.57 34.76 -9.53
N GLU B 147 9.54 35.67 -9.38
CA GLU B 147 9.88 36.55 -10.49
C GLU B 147 10.59 35.78 -11.59
N TYR B 148 11.40 34.80 -11.22
CA TYR B 148 12.10 33.96 -12.18
C TYR B 148 11.33 32.69 -12.51
N PHE B 149 10.49 32.20 -11.59
CA PHE B 149 9.70 30.99 -11.79
C PHE B 149 8.25 31.27 -11.42
N PRO B 150 7.55 32.11 -12.20
CA PRO B 150 6.15 32.44 -11.85
C PRO B 150 5.20 31.26 -11.94
N TRP B 151 5.51 30.24 -12.74
CA TRP B 151 4.62 29.10 -12.88
C TRP B 151 4.72 28.12 -11.71
N GLU B 152 5.63 28.35 -10.77
CA GLU B 152 5.82 27.43 -9.65
C GLU B 152 4.99 27.78 -8.42
N ASP B 153 4.38 28.97 -8.39
CA ASP B 153 3.59 29.40 -7.25
C ASP B 153 2.12 29.06 -7.50
N HIS B 154 1.63 28.04 -6.78
CA HIS B 154 0.23 27.62 -6.88
C HIS B 154 -0.52 27.89 -5.58
N ARG B 155 -0.09 28.87 -4.79
CA ARG B 155 -0.73 29.15 -3.51
C ARG B 155 -2.16 29.63 -3.71
N GLN B 156 -2.43 30.36 -4.79
CA GLN B 156 -3.77 30.84 -5.08
C GLN B 156 -4.29 30.23 -6.37
N GLY B 157 -4.29 28.89 -6.44
CA GLY B 157 -4.65 28.20 -7.65
C GLY B 157 -3.53 28.19 -8.67
N ARG B 158 -3.76 27.49 -9.77
CA ARG B 158 -2.78 27.43 -10.83
C ARG B 158 -2.61 28.81 -11.47
N PRO B 159 -1.38 29.24 -11.75
CA PRO B 159 -1.19 30.52 -12.42
C PRO B 159 -1.67 30.46 -13.86
N ASP B 160 -2.33 31.54 -14.29
CA ASP B 160 -2.88 31.58 -15.65
C ASP B 160 -1.79 31.57 -16.72
N ILE B 161 -0.54 31.87 -16.36
CA ILE B 161 0.56 31.76 -17.29
C ILE B 161 0.77 30.31 -17.73
N LEU B 162 0.29 29.35 -16.94
CA LEU B 162 0.48 27.94 -17.26
C LEU B 162 -0.30 27.54 -18.51
N ASP B 163 -1.40 28.24 -18.81
CA ASP B 163 -2.15 27.94 -20.03
C ASP B 163 -1.30 28.19 -21.27
N SER B 164 -0.58 29.31 -21.29
CA SER B 164 0.28 29.59 -22.43
C SER B 164 1.47 28.64 -22.48
N ILE B 165 2.04 28.31 -21.32
CA ILE B 165 3.16 27.37 -21.28
C ILE B 165 2.74 26.01 -21.81
N ILE B 166 1.58 25.53 -21.39
CA ILE B 166 1.11 24.22 -21.85
C ILE B 166 0.81 24.26 -23.35
N ASP B 167 0.27 25.38 -23.84
CA ASP B 167 -0.03 25.49 -25.26
C ASP B 167 1.24 25.42 -26.11
N LYS B 168 2.31 26.09 -25.68
CA LYS B 168 3.57 26.00 -26.39
C LYS B 168 4.19 24.61 -26.25
N LEU B 169 4.01 23.96 -25.10
CA LEU B 169 4.59 22.64 -24.89
C LEU B 169 3.88 21.59 -25.75
N ARG B 170 2.56 21.73 -25.92
CA ARG B 170 1.83 20.77 -26.75
C ARG B 170 2.24 20.91 -28.22
N ALA B 171 2.48 22.13 -28.68
CA ALA B 171 2.94 22.32 -30.05
C ALA B 171 4.32 21.70 -30.25
N TRP B 172 5.20 21.82 -29.26
CA TRP B 172 6.53 21.24 -29.37
C TRP B 172 6.49 19.73 -29.28
N ALA B 173 5.63 19.19 -28.40
CA ALA B 173 5.51 17.73 -28.29
C ALA B 173 4.89 17.12 -29.53
N ASP B 174 4.06 17.88 -30.26
CA ASP B 174 3.43 17.41 -31.48
C ASP B 174 4.23 17.78 -32.72
N SER B 175 5.41 18.36 -32.57
CA SER B 175 6.19 18.82 -33.72
C SER B 175 6.86 17.67 -34.46
N GLU B 176 7.23 16.60 -33.75
CA GLU B 176 7.89 15.46 -34.36
C GLU B 176 7.14 14.20 -33.93
N PRO B 177 6.56 13.44 -34.87
CA PRO B 177 5.66 12.36 -34.48
C PRO B 177 6.35 11.20 -33.77
N ASP B 178 7.60 10.89 -34.12
CA ASP B 178 8.25 9.73 -33.50
C ASP B 178 8.55 9.98 -32.02
N SER B 179 8.71 11.24 -31.62
CA SER B 179 8.93 11.58 -30.23
C SER B 179 7.70 12.22 -29.58
N ARG B 180 6.53 12.11 -30.20
CA ARG B 180 5.34 12.76 -29.66
C ARG B 180 4.88 12.10 -28.36
N ALA B 181 4.87 10.76 -28.34
CA ALA B 181 4.37 10.05 -27.15
C ALA B 181 5.25 10.31 -25.93
N GLN B 182 6.57 10.27 -26.12
CA GLN B 182 7.48 10.48 -24.98
C GLN B 182 7.41 11.91 -24.48
N ARG B 183 7.38 12.88 -25.40
CA ARG B 183 7.33 14.29 -24.99
C ARG B 183 6.02 14.61 -24.29
N HIS B 184 4.92 13.98 -24.70
CA HIS B 184 3.66 14.17 -23.99
C HIS B 184 3.70 13.56 -22.59
N LEU B 185 4.46 12.47 -22.40
CA LEU B 185 4.60 11.89 -21.07
C LEU B 185 5.46 12.76 -20.17
N ARG B 186 6.54 13.33 -20.72
CA ARG B 186 7.36 14.26 -19.94
C ARG B 186 6.57 15.50 -19.57
N ALA B 187 5.83 16.07 -20.52
CA ALA B 187 5.04 17.27 -20.24
C ALA B 187 3.90 16.99 -19.28
N ASP B 188 3.37 15.76 -19.29
CA ASP B 188 2.32 15.40 -18.34
C ASP B 188 2.88 15.22 -16.93
N PHE B 189 4.04 14.56 -16.83
CA PHE B 189 4.65 14.31 -15.52
C PHE B 189 5.11 15.61 -14.87
N THR B 190 5.56 16.57 -15.66
CA THR B 190 6.12 17.81 -15.13
C THR B 190 5.07 18.91 -15.00
N PHE B 191 4.38 19.23 -16.10
CA PHE B 191 3.44 20.35 -16.11
C PHE B 191 1.97 19.92 -16.10
N GLY B 192 1.68 18.66 -16.43
CA GLY B 192 0.30 18.22 -16.50
C GLY B 192 -0.40 18.68 -17.75
N LEU B 193 0.14 18.31 -18.91
CA LEU B 193 -0.38 18.80 -20.18
C LEU B 193 -1.71 18.14 -20.52
N ASP B 194 -1.77 16.82 -20.45
CA ASP B 194 -3.00 16.06 -20.67
C ASP B 194 -3.56 15.52 -19.35
N GLY B 195 -3.48 16.34 -18.30
CA GLY B 195 -3.85 15.90 -16.97
C GLY B 195 -2.65 15.47 -16.17
N GLY B 196 -2.94 14.93 -14.98
CA GLY B 196 -1.89 14.52 -14.08
C GLY B 196 -1.67 15.53 -12.97
N GLY B 197 -1.48 15.05 -11.74
CA GLY B 197 -1.34 15.95 -10.61
C GLY B 197 -0.10 16.80 -10.68
N TRP B 198 -0.11 17.87 -9.89
CA TRP B 198 1.01 18.81 -9.83
C TRP B 198 1.95 18.39 -8.71
N ASN B 199 3.21 18.14 -9.07
CA ASN B 199 4.25 17.78 -8.11
C ASN B 199 5.19 18.97 -7.97
N GLU B 200 5.22 19.58 -6.78
CA GLU B 200 6.02 20.77 -6.57
C GLU B 200 7.52 20.49 -6.54
N GLU B 201 7.91 19.23 -6.32
CA GLU B 201 9.33 18.90 -6.25
C GLU B 201 10.00 18.89 -7.62
N LEU B 202 9.24 18.89 -8.71
CA LEU B 202 9.79 18.78 -10.06
C LEU B 202 10.14 20.13 -10.67
N THR B 203 10.66 21.06 -9.86
CA THR B 203 11.01 22.38 -10.40
C THR B 203 12.13 22.27 -11.44
N LEU B 204 13.14 21.45 -11.17
CA LEU B 204 14.24 21.29 -12.12
C LEU B 204 13.76 20.62 -13.40
N GLN B 205 13.01 19.52 -13.28
CA GLN B 205 12.53 18.81 -14.46
C GLN B 205 11.66 19.71 -15.33
N ARG B 206 10.88 20.59 -14.71
CA ARG B 206 10.06 21.52 -15.49
C ARG B 206 10.93 22.52 -16.24
N TYR B 207 11.97 23.04 -15.60
CA TYR B 207 12.83 24.01 -16.26
C TYR B 207 13.68 23.37 -17.36
N GLU B 208 14.07 22.11 -17.17
CA GLU B 208 14.83 21.42 -18.21
C GLU B 208 13.96 21.18 -19.44
N LEU B 209 12.68 20.88 -19.24
CA LEU B 209 11.79 20.65 -20.36
C LEU B 209 11.53 21.94 -21.13
N LEU B 210 11.31 23.05 -20.41
CA LEU B 210 11.15 24.34 -21.08
C LEU B 210 12.39 24.71 -21.88
N TYR B 211 13.57 24.42 -21.33
CA TYR B 211 14.81 24.70 -22.04
C TYR B 211 14.91 23.89 -23.31
N GLU B 212 14.68 22.57 -23.21
CA GLU B 212 14.71 21.71 -24.39
C GLU B 212 13.65 22.12 -25.40
N ALA B 213 12.50 22.61 -24.93
CA ALA B 213 11.45 23.09 -25.82
C ALA B 213 11.69 24.52 -26.30
N GLY B 214 12.78 25.15 -25.89
CA GLY B 214 13.07 26.51 -26.31
C GLY B 214 12.07 27.53 -25.82
N LEU B 215 11.50 27.33 -24.63
CA LEU B 215 10.50 28.22 -24.08
C LEU B 215 11.08 29.17 -23.02
N VAL B 216 12.40 29.20 -22.87
CA VAL B 216 13.06 30.14 -21.98
C VAL B 216 14.19 30.82 -22.73
N GLY B 217 14.50 32.06 -22.33
CA GLY B 217 15.49 32.84 -23.05
C GLY B 217 16.86 32.22 -23.06
N GLU B 218 17.21 31.45 -22.02
CA GLU B 218 18.52 30.83 -21.96
C GLU B 218 18.73 29.81 -23.07
N ALA B 219 17.65 29.24 -23.61
CA ALA B 219 17.79 28.30 -24.72
C ALA B 219 18.19 29.00 -26.01
N GLN B 220 17.81 30.27 -26.16
CA GLN B 220 18.15 31.08 -27.33
C GLN B 220 17.65 30.45 -28.62
N SER B 221 16.35 30.17 -28.66
CA SER B 221 15.72 29.61 -29.85
C SER B 221 15.68 30.65 -30.96
N GLU B 222 15.46 30.18 -32.19
CA GLU B 222 15.45 31.08 -33.34
C GLU B 222 14.31 32.10 -33.25
N PRO B 223 13.04 31.69 -33.02
CA PRO B 223 12.06 32.68 -32.53
C PRO B 223 12.01 32.66 -31.01
N ARG B 224 12.60 33.67 -30.38
CA ARG B 224 12.83 33.62 -28.94
C ARG B 224 11.52 33.66 -28.16
N ILE B 225 11.28 32.62 -27.37
CA ILE B 225 10.13 32.53 -26.47
C ILE B 225 10.67 32.37 -25.05
N ASN B 226 10.09 33.10 -24.11
CA ASN B 226 10.60 33.10 -22.75
C ASN B 226 9.47 33.32 -21.75
N PHE B 227 9.51 32.55 -20.67
CA PHE B 227 8.60 32.71 -19.54
C PHE B 227 9.43 32.97 -18.30
N GLY B 228 9.01 33.94 -17.49
CA GLY B 228 9.75 34.32 -16.31
C GLY B 228 10.99 35.11 -16.67
N ARG B 229 11.57 35.75 -15.67
CA ARG B 229 12.78 36.54 -15.86
C ARG B 229 13.98 35.63 -16.04
N PRO B 230 14.71 35.75 -17.14
CA PRO B 230 15.92 34.97 -17.35
C PRO B 230 17.07 35.47 -16.50
N PHE B 232 21.67 35.31 -16.01
CA PHE B 232 22.94 35.16 -16.70
C PHE B 232 23.40 33.71 -16.69
N ALA B 233 23.94 33.26 -17.82
CA ALA B 233 24.48 31.90 -17.97
C ALA B 233 23.38 30.90 -17.63
N ASP B 234 23.65 29.89 -16.80
CA ASP B 234 22.64 28.93 -16.38
C ASP B 234 22.31 29.08 -14.89
N HIS B 235 22.15 30.32 -14.44
CA HIS B 235 21.86 30.55 -13.02
C HIS B 235 20.43 30.15 -12.67
N ARG B 236 19.49 30.31 -13.61
CA ARG B 236 18.15 29.81 -13.36
C ARG B 236 18.12 28.30 -13.21
N ARG B 237 19.01 27.60 -13.91
CA ARG B 237 19.16 26.16 -13.70
C ARG B 237 19.63 25.87 -12.28
N ILE B 238 20.59 26.65 -11.79
CA ILE B 238 21.05 26.50 -10.42
C ILE B 238 19.93 26.80 -9.44
N LEU B 239 19.20 27.90 -9.68
CA LEU B 239 18.12 28.28 -8.79
C LEU B 239 17.03 27.22 -8.75
N ALA B 240 16.77 26.57 -9.88
CA ALA B 240 15.77 25.50 -9.92
C ALA B 240 16.16 24.35 -9.01
N THR B 241 17.46 24.02 -8.95
CA THR B 241 17.90 22.95 -8.06
C THR B 241 17.80 23.36 -6.60
N GLY B 242 17.98 24.64 -6.30
CA GLY B 242 17.80 25.10 -4.93
C GLY B 242 16.35 25.05 -4.50
N ILE B 243 15.43 25.45 -5.38
CA ILE B 243 14.01 25.36 -5.07
C ILE B 243 13.59 23.91 -4.91
N ALA B 244 14.11 23.02 -5.78
CA ALA B 244 13.77 21.61 -5.67
C ALA B 244 14.32 21.00 -4.38
N ARG B 245 15.55 21.39 -3.99
CA ARG B 245 16.14 20.86 -2.77
C ARG B 245 15.35 21.28 -1.55
N LEU B 246 15.03 22.59 -1.44
CA LEU B 246 14.27 23.08 -0.29
C LEU B 246 12.90 22.43 -0.22
N ARG B 247 12.21 22.30 -1.35
CA ARG B 247 10.89 21.69 -1.34
C ARG B 247 10.95 20.22 -0.93
N ALA B 248 11.92 19.48 -1.46
CA ALA B 248 12.09 18.09 -1.04
C ALA B 248 12.45 17.99 0.44
N LYS B 249 13.18 18.98 0.96
CA LYS B 249 13.56 18.96 2.37
C LYS B 249 12.36 19.16 3.27
N ILE B 250 11.51 20.15 2.94
CA ILE B 250 10.40 20.51 3.82
C ILE B 250 9.24 19.52 3.76
N LYS B 251 9.26 18.57 2.83
CA LYS B 251 8.16 17.62 2.74
C LYS B 251 8.32 16.47 3.74
N TYR B 252 9.56 16.12 4.10
CA TYR B 252 9.78 15.04 5.05
C TYR B 252 10.45 15.50 6.35
N ARG B 253 11.18 16.61 6.34
CA ARG B 253 11.79 17.12 7.57
C ARG B 253 12.14 18.59 7.41
N PRO B 254 11.20 19.50 7.68
CA PRO B 254 11.48 20.93 7.49
C PRO B 254 12.42 21.51 8.54
N VAL B 255 13.72 21.38 8.31
CA VAL B 255 14.72 21.98 9.21
C VAL B 255 15.01 23.36 8.65
N VAL B 256 14.17 24.32 9.03
CA VAL B 256 14.22 25.67 8.47
C VAL B 256 14.35 26.70 9.57
N PHE B 257 15.11 26.37 10.62
CA PHE B 257 15.28 27.32 11.72
C PHE B 257 16.05 28.56 11.29
N GLU B 258 16.90 28.44 10.27
CA GLU B 258 17.63 29.60 9.77
C GLU B 258 16.72 30.59 9.06
N LEU B 259 15.60 30.11 8.51
CA LEU B 259 14.66 30.99 7.83
C LEU B 259 13.74 31.72 8.79
N ALA B 261 12.47 33.42 12.71
CA ALA B 261 12.95 34.02 13.94
C ALA B 261 13.07 32.95 15.01
N ASP B 262 13.68 33.32 16.14
CA ASP B 262 13.92 32.35 17.19
C ASP B 262 12.63 31.78 17.76
N SER B 263 11.54 32.54 17.69
CA SER B 263 10.23 32.07 18.14
C SER B 263 9.19 32.40 17.08
N PHE B 264 8.18 31.53 16.99
CA PHE B 264 7.17 31.66 15.95
C PHE B 264 5.97 30.80 16.32
N THR B 265 4.83 31.14 15.72
CA THR B 265 3.63 30.31 15.87
C THR B 265 3.63 29.21 14.83
N LEU B 266 2.81 28.18 15.07
CA LEU B 266 2.70 27.09 14.11
C LEU B 266 2.05 27.57 12.80
N LEU B 267 1.19 28.59 12.88
CA LEU B 267 0.61 29.11 11.64
C LEU B 267 1.60 29.96 10.86
N GLN B 268 2.49 30.67 11.56
CA GLN B 268 3.60 31.32 10.88
C GLN B 268 4.55 30.30 10.27
N LEU B 269 4.75 29.17 10.94
CA LEU B 269 5.57 28.11 10.36
C LEU B 269 4.94 27.53 9.11
N GLN B 270 3.61 27.47 9.06
CA GLN B 270 2.93 26.94 7.88
C GLN B 270 2.98 27.93 6.73
N ARG B 271 2.88 29.23 7.03
CA ARG B 271 2.86 30.23 5.97
C ARG B 271 4.17 30.27 5.20
N ALA B 272 5.30 30.12 5.90
CA ALA B 272 6.59 30.17 5.23
C ALA B 272 6.90 28.90 4.46
N ILE B 273 6.46 27.74 4.97
CA ILE B 273 6.61 26.50 4.21
C ILE B 273 5.69 26.50 3.00
N GLU B 274 4.49 27.07 3.14
CA GLU B 274 3.60 27.23 2.01
C GLU B 274 4.21 28.15 0.96
N ALA B 275 4.98 29.14 1.38
CA ALA B 275 5.64 30.03 0.42
C ALA B 275 6.77 29.31 -0.31
N LEU B 276 7.48 28.42 0.39
CA LEU B 276 8.57 27.67 -0.24
C LEU B 276 8.03 26.64 -1.23
N ALA B 277 7.03 25.87 -0.80
CA ALA B 277 6.47 24.83 -1.66
C ALA B 277 5.59 25.40 -2.77
N GLY B 278 5.18 26.66 -2.66
CA GLY B 278 4.25 27.21 -3.62
C GLY B 278 2.89 26.56 -3.60
N LEU B 279 2.47 26.05 -2.45
CA LEU B 279 1.18 25.37 -2.32
C LEU B 279 0.55 25.75 -0.99
N THR B 280 -0.76 25.55 -0.91
CA THR B 280 -1.48 25.70 0.35
C THR B 280 -1.55 24.34 1.04
N LEU B 281 -1.13 24.31 2.30
CA LEU B 281 -1.04 23.06 3.07
C LEU B 281 -2.28 22.87 3.92
N HIS B 282 -2.58 21.60 4.20
CA HIS B 282 -3.67 21.25 5.10
C HIS B 282 -3.23 21.51 6.54
N LYS B 283 -4.08 22.21 7.31
CA LYS B 283 -3.74 22.55 8.68
C LYS B 283 -3.48 21.31 9.52
N GLN B 284 -4.45 20.38 9.54
CA GLN B 284 -4.35 19.22 10.41
C GLN B 284 -3.15 18.35 10.05
N ASN B 285 -2.94 18.10 8.75
CA ASN B 285 -1.84 17.25 8.33
C ASN B 285 -0.49 17.92 8.56
N PHE B 286 -0.43 19.24 8.46
CA PHE B 286 0.84 19.94 8.72
C PHE B 286 1.20 19.88 10.20
N ARG B 287 0.20 19.99 11.08
CA ARG B 287 0.45 19.87 12.52
C ARG B 287 0.97 18.48 12.87
N ARG B 288 0.50 17.45 12.17
CA ARG B 288 0.95 16.10 12.46
C ARG B 288 2.40 15.89 12.04
N LEU B 289 2.78 16.43 10.87
CA LEU B 289 4.14 16.25 10.37
C LEU B 289 5.15 16.90 11.30
N ILE B 290 4.81 18.07 11.86
CA ILE B 290 5.75 18.78 12.72
C ILE B 290 5.96 18.03 14.03
N GLU B 291 4.87 17.59 14.66
CA GLU B 291 4.98 16.84 15.91
C GLU B 291 5.61 15.48 15.67
N GLN B 292 5.36 14.87 14.51
CA GLN B 292 5.96 13.57 14.20
C GLN B 292 7.47 13.69 14.10
N GLN B 293 7.97 14.73 13.46
CA GLN B 293 9.40 14.93 13.26
C GLN B 293 10.10 15.56 14.46
N GLN B 294 9.39 15.68 15.59
CA GLN B 294 9.91 16.25 16.85
C GLN B 294 10.85 17.43 16.63
N LEU B 295 10.42 18.38 15.80
CA LEU B 295 11.31 19.47 15.40
C LEU B 295 11.22 20.69 16.32
N VAL B 296 10.03 21.00 16.82
CA VAL B 296 9.81 22.23 17.56
C VAL B 296 9.42 21.89 19.00
N GLU B 297 9.37 22.93 19.83
CA GLU B 297 8.99 22.80 21.22
C GLU B 297 8.37 24.12 21.69
N GLU B 298 7.54 24.04 22.71
CA GLU B 298 6.88 25.23 23.24
C GLU B 298 7.86 26.08 24.03
N THR B 299 7.78 27.40 23.82
CA THR B 299 8.62 28.34 24.56
C THR B 299 7.94 28.86 25.83
N GLY B 300 6.62 28.70 25.95
CA GLY B 300 5.89 29.17 27.10
C GLY B 300 5.27 30.55 26.94
N ASP B 301 5.63 31.30 25.91
CA ASP B 301 5.10 32.63 25.67
C ASP B 301 3.98 32.60 24.65
N ALA B 311 -1.95 32.85 20.10
CA ALA B 311 -1.43 31.55 19.66
C ALA B 311 -0.11 31.23 20.36
N LYS B 312 0.16 29.94 20.53
CA LYS B 312 1.37 29.51 21.20
C LYS B 312 2.58 29.73 20.30
N LEU B 313 3.65 30.26 20.88
CA LEU B 313 4.92 30.42 20.17
C LEU B 313 5.76 29.16 20.33
N PHE B 314 6.52 28.84 19.28
CA PHE B 314 7.35 27.65 19.26
C PHE B 314 8.76 28.01 18.80
N ARG B 315 9.70 27.13 19.13
CA ARG B 315 11.08 27.25 18.68
C ARG B 315 11.60 25.87 18.30
N PHE B 316 12.54 25.85 17.35
CA PHE B 316 13.16 24.58 16.97
C PHE B 316 14.02 24.05 18.12
N ARG B 317 13.98 22.75 18.32
CA ARG B 317 14.71 22.12 19.41
C ARG B 317 16.20 22.33 19.26
N GLN B 318 16.91 22.33 20.40
CA GLN B 318 18.35 22.49 20.38
C GLN B 318 19.04 21.30 19.71
N THR B 319 18.46 20.11 19.83
CA THR B 319 19.02 18.94 19.14
C THR B 319 19.01 19.11 17.64
N VAL B 320 17.98 19.78 17.10
CA VAL B 320 17.94 20.05 15.67
C VAL B 320 19.05 21.01 15.26
N LEU B 321 19.31 22.02 16.10
CA LEU B 321 20.39 22.95 15.81
C LEU B 321 21.75 22.27 15.94
N ASP B 322 21.91 21.38 16.91
CA ASP B 322 23.21 20.76 17.15
C ASP B 322 23.55 19.75 16.06
N GLU B 323 22.55 19.01 15.57
CA GLU B 323 22.81 18.06 14.49
C GLU B 323 23.23 18.78 13.21
N ARG B 324 22.58 19.91 12.90
CA ARG B 324 22.92 20.65 11.69
C ARG B 324 24.35 21.16 11.74
N ALA B 325 24.84 21.51 12.94
CA ALA B 325 26.19 22.02 13.09
C ALA B 325 27.25 20.97 12.77
N LEU B 326 26.91 19.68 12.82
CA LEU B 326 27.85 18.60 12.62
C LEU B 326 27.61 17.83 11.33
N SER B 327 26.59 18.18 10.56
CA SER B 327 26.23 17.41 9.36
C SER B 327 26.99 17.85 8.12
N GLY B 328 27.57 19.04 8.10
CA GLY B 328 28.36 19.46 6.96
C GLY B 328 27.52 19.91 5.78
N THR B 329 28.14 19.86 4.60
CA THR B 329 27.51 20.35 3.37
C THR B 329 27.08 19.23 2.43
N LYS B 330 27.49 17.99 2.67
CA LYS B 330 27.10 16.84 1.85
C LYS B 330 26.09 16.01 2.62
N LEU B 331 24.86 16.53 2.71
CA LEU B 331 23.85 15.92 3.54
C LEU B 331 23.34 14.62 2.93
N PRO B 332 23.00 13.63 3.78
CA PRO B 332 22.34 12.42 3.26
C PRO B 332 20.93 12.73 2.78
N LEU B 333 20.69 12.59 1.48
CA LEU B 333 19.41 12.91 0.87
C LEU B 333 18.99 11.76 -0.04
N SER B 334 17.78 11.88 -0.60
CA SER B 334 17.22 10.82 -1.41
C SER B 334 17.22 11.13 -2.91
N ARG B 335 17.25 12.41 -3.30
CA ARG B 335 17.08 12.80 -4.68
C ARG B 335 18.35 13.41 -5.28
N ASN B 336 18.82 14.53 -4.76
CA ASN B 336 19.94 15.25 -5.36
C ASN B 336 21.25 14.48 -5.26
N VAL C 37 -4.13 2.85 28.93
CA VAL C 37 -4.97 1.78 28.41
C VAL C 37 -5.74 2.26 27.18
N THR C 38 -5.35 1.74 26.02
CA THR C 38 -6.07 2.05 24.79
C THR C 38 -7.31 1.16 24.70
N ILE C 39 -8.46 1.79 24.48
CA ILE C 39 -9.75 1.10 24.48
C ILE C 39 -10.14 0.79 23.03
N GLY C 40 -10.69 -0.40 22.82
CA GLY C 40 -11.19 -0.79 21.52
C GLY C 40 -10.26 -1.65 20.69
N LEU C 41 -9.20 -2.19 21.29
CA LEU C 41 -8.26 -3.02 20.56
C LEU C 41 -8.67 -4.48 20.60
N ALA C 42 -8.17 -5.25 19.64
CA ALA C 42 -8.50 -6.66 19.56
C ALA C 42 -7.41 -7.39 18.78
N HIS C 43 -7.17 -8.63 19.16
CA HIS C 43 -6.25 -9.51 18.45
C HIS C 43 -7.06 -10.40 17.51
N ALA C 44 -6.72 -10.37 16.23
CA ALA C 44 -7.47 -11.08 15.20
C ALA C 44 -6.70 -12.32 14.75
N GLU C 45 -7.40 -13.45 14.65
CA GLU C 45 -6.87 -14.67 14.08
C GLU C 45 -7.53 -14.91 12.74
N LEU C 46 -6.73 -15.24 11.73
CA LEU C 46 -7.21 -15.58 10.40
C LEU C 46 -7.19 -17.10 10.26
N ILE C 47 -8.36 -17.70 10.05
CA ILE C 47 -8.51 -19.15 10.07
C ILE C 47 -9.05 -19.60 8.71
N ALA C 48 -8.41 -20.62 8.13
CA ALA C 48 -8.70 -21.07 6.79
C ALA C 48 -9.44 -22.41 6.82
N VAL C 49 -10.47 -22.52 6.00
CA VAL C 49 -11.20 -23.77 5.79
C VAL C 49 -11.02 -24.13 4.32
N VAL C 50 -9.98 -24.90 4.01
CA VAL C 50 -9.70 -25.35 2.66
C VAL C 50 -10.28 -26.75 2.50
N THR C 51 -11.22 -26.89 1.58
CA THR C 51 -11.96 -28.14 1.41
C THR C 51 -11.62 -28.78 0.08
N ALA C 52 -11.43 -30.11 0.10
CA ALA C 52 -11.24 -30.89 -1.11
C ALA C 52 -12.07 -32.16 -1.02
N ILE C 53 -12.58 -32.61 -2.16
CA ILE C 53 -13.37 -33.83 -2.27
C ILE C 53 -12.51 -34.89 -2.93
N THR C 54 -12.17 -35.94 -2.18
CA THR C 54 -11.41 -37.07 -2.69
C THR C 54 -12.10 -38.35 -2.26
N THR C 55 -12.46 -39.18 -3.24
CA THR C 55 -13.11 -40.47 -2.99
C THR C 55 -14.40 -40.33 -2.19
N ASP C 56 -15.29 -39.46 -2.68
CA ASP C 56 -16.64 -39.28 -2.13
C ASP C 56 -16.61 -38.84 -0.66
N GLU C 57 -15.49 -38.30 -0.19
CA GLU C 57 -15.36 -37.88 1.20
C GLU C 57 -14.89 -36.44 1.25
N PRO C 58 -15.66 -35.52 1.84
CA PRO C 58 -15.18 -34.15 2.00
C PRO C 58 -14.12 -34.07 3.08
N ARG C 59 -12.98 -33.48 2.75
CA ARG C 59 -11.86 -33.37 3.68
C ARG C 59 -11.42 -31.92 3.77
N VAL C 60 -10.85 -31.56 4.91
CA VAL C 60 -10.40 -30.20 5.19
C VAL C 60 -8.90 -30.24 5.50
N THR C 62 -5.67 -29.51 7.39
CA THR C 62 -5.45 -29.35 8.82
C THR C 62 -3.96 -29.27 9.13
N VAL C 63 -3.66 -28.76 10.32
CA VAL C 63 -2.33 -28.76 10.90
C VAL C 63 -2.43 -29.27 12.33
N ARG C 64 -1.29 -29.30 13.02
CA ARG C 64 -1.21 -29.80 14.40
C ARG C 64 -1.79 -31.21 14.50
N GLU C 65 -1.50 -32.05 13.50
CA GLU C 65 -1.95 -33.44 13.46
C GLU C 65 -3.47 -33.55 13.50
N GLY C 66 -4.12 -32.78 12.63
CA GLY C 66 -5.56 -32.81 12.52
C GLY C 66 -6.32 -32.11 13.62
N ALA C 67 -5.63 -31.40 14.52
CA ALA C 67 -6.27 -30.73 15.63
C ALA C 67 -6.58 -29.27 15.34
N ALA C 68 -6.02 -28.69 14.28
CA ALA C 68 -6.19 -27.27 14.02
C ALA C 68 -6.26 -27.02 12.52
N LEU C 69 -7.01 -25.99 12.15
CA LEU C 69 -7.01 -25.48 10.80
C LEU C 69 -5.77 -24.61 10.56
N PRO C 70 -5.37 -24.41 9.32
CA PRO C 70 -4.31 -23.45 9.04
C PRO C 70 -4.73 -22.06 9.47
N SER C 71 -3.98 -21.48 10.39
CA SER C 71 -4.37 -20.21 10.99
C SER C 71 -3.14 -19.38 11.28
N GLY C 72 -3.38 -18.10 11.55
CA GLY C 72 -2.32 -17.17 11.90
C GLY C 72 -2.89 -15.80 12.24
N PRO C 73 -2.17 -15.05 13.07
CA PRO C 73 -2.67 -13.72 13.47
C PRO C 73 -2.53 -12.71 12.35
N PHE C 74 -3.50 -11.81 12.28
CA PHE C 74 -3.40 -10.66 11.38
C PHE C 74 -2.35 -9.70 11.91
N GLU C 75 -1.41 -9.32 11.06
CA GLU C 75 -0.25 -8.54 11.48
C GLU C 75 -0.25 -7.17 10.81
N PHE C 76 0.64 -6.30 11.30
CA PHE C 76 0.65 -4.90 10.87
C PHE C 76 0.99 -4.77 9.40
N GLY C 77 1.89 -5.61 8.90
CA GLY C 77 2.32 -5.54 7.51
C GLY C 77 1.42 -6.25 6.51
N HIS C 78 0.38 -6.93 6.97
CA HIS C 78 -0.53 -7.62 6.05
C HIS C 78 -1.29 -6.61 5.22
N ARG C 79 -1.19 -6.73 3.89
CA ARG C 79 -1.90 -5.82 3.01
C ARG C 79 -3.41 -5.97 3.18
N THR C 80 -3.90 -7.20 3.14
CA THR C 80 -5.31 -7.50 3.29
C THR C 80 -5.47 -8.58 4.34
N LEU C 81 -6.72 -8.77 4.80
CA LEU C 81 -7.01 -9.91 5.67
C LEU C 81 -6.81 -11.22 4.94
N GLN C 82 -7.23 -11.28 3.66
CA GLN C 82 -7.11 -12.50 2.90
C GLN C 82 -5.65 -12.80 2.55
N SER C 83 -4.90 -11.78 2.14
CA SER C 83 -3.50 -11.99 1.81
C SER C 83 -2.70 -12.40 3.04
N GLY C 84 -3.05 -11.87 4.21
CA GLY C 84 -2.37 -12.28 5.43
C GLY C 84 -2.62 -13.74 5.76
N LEU C 85 -3.87 -14.19 5.63
CA LEU C 85 -4.16 -15.61 5.84
C LEU C 85 -3.49 -16.47 4.78
N ARG C 86 -3.45 -15.99 3.54
CA ARG C 86 -2.78 -16.74 2.49
C ARG C 86 -1.30 -16.93 2.79
N GLU C 87 -0.68 -15.95 3.45
CA GLU C 87 0.70 -16.13 3.87
C GLU C 87 0.83 -17.21 4.93
N TRP C 88 -0.15 -17.30 5.84
CA TRP C 88 -0.10 -18.31 6.89
C TRP C 88 -0.37 -19.71 6.33
N ILE C 89 -1.17 -19.80 5.27
CA ILE C 89 -1.40 -21.10 4.63
C ILE C 89 -0.12 -21.60 3.98
N HIS C 90 0.59 -20.72 3.27
CA HIS C 90 1.85 -21.11 2.64
C HIS C 90 2.89 -21.50 3.68
N GLU C 91 2.92 -20.80 4.82
CA GLU C 91 3.92 -21.09 5.84
C GLU C 91 3.67 -22.44 6.50
N GLN C 92 2.41 -22.77 6.77
CA GLN C 92 2.08 -23.93 7.58
C GLN C 92 1.82 -25.19 6.78
N THR C 93 1.41 -25.07 5.52
CA THR C 93 1.06 -26.24 4.72
C THR C 93 1.90 -26.39 3.45
N HIS C 94 2.59 -25.35 3.00
CA HIS C 94 3.32 -25.35 1.74
C HIS C 94 2.40 -25.64 0.55
N HIS C 95 1.10 -25.50 0.74
CA HIS C 95 0.11 -25.87 -0.26
C HIS C 95 -0.54 -24.61 -0.83
N PRO C 96 -0.31 -24.27 -2.10
CA PRO C 96 -1.04 -23.15 -2.70
C PRO C 96 -2.53 -23.45 -2.78
N VAL C 97 -3.34 -22.41 -2.65
CA VAL C 97 -4.78 -22.52 -2.71
C VAL C 97 -5.31 -21.56 -3.76
N GLY C 98 -6.55 -21.80 -4.17
CA GLY C 98 -7.18 -20.96 -5.18
C GLY C 98 -7.90 -19.76 -4.59
N TYR C 99 -9.13 -19.53 -5.01
CA TYR C 99 -9.90 -18.40 -4.50
C TYR C 99 -10.23 -18.61 -3.02
N LEU C 100 -10.22 -17.52 -2.26
CA LEU C 100 -10.57 -17.53 -0.85
C LEU C 100 -11.76 -16.62 -0.63
N GLU C 101 -12.76 -17.11 0.11
CA GLU C 101 -13.99 -16.39 0.35
C GLU C 101 -14.18 -16.23 1.85
N GLN C 102 -14.40 -14.99 2.29
CA GLN C 102 -14.55 -14.72 3.71
C GLN C 102 -15.84 -15.33 4.25
N LEU C 103 -15.75 -15.90 5.45
CA LEU C 103 -16.91 -16.52 6.10
C LEU C 103 -17.58 -15.54 7.05
N TYR C 104 -17.31 -15.65 8.34
CA TYR C 104 -17.85 -14.74 9.33
C TYR C 104 -16.79 -14.48 10.41
N THR C 105 -17.01 -13.43 11.18
CA THR C 105 -16.11 -13.03 12.24
C THR C 105 -16.79 -13.30 13.59
N PHE C 106 -16.06 -13.98 14.48
CA PHE C 106 -16.56 -14.32 15.79
C PHE C 106 -15.74 -13.62 16.86
N ALA C 107 -16.37 -13.42 18.02
CA ALA C 107 -15.71 -12.85 19.19
C ALA C 107 -15.88 -13.80 20.37
N ASP C 108 -14.88 -13.83 21.23
CA ASP C 108 -14.88 -14.73 22.38
C ASP C 108 -15.56 -14.07 23.58
N ARG C 109 -16.10 -14.91 24.46
CA ARG C 109 -16.77 -14.47 25.67
C ARG C 109 -15.90 -14.66 26.92
N ASP C 110 -14.61 -14.39 26.81
CA ASP C 110 -13.71 -14.54 27.94
C ASP C 110 -13.96 -13.45 28.98
N ARG C 111 -13.54 -13.73 30.23
CA ARG C 111 -13.79 -12.82 31.34
C ARG C 111 -12.49 -12.26 31.94
N ASN C 112 -11.36 -12.43 31.27
CA ASN C 112 -10.09 -11.86 31.73
C ASN C 112 -9.25 -11.45 30.52
N ASN C 113 -9.81 -10.53 29.73
CA ASN C 113 -9.15 -10.05 28.52
C ASN C 113 -8.24 -8.85 28.76
N GLU C 114 -8.47 -8.10 29.83
CA GLU C 114 -7.65 -6.92 30.09
C GLU C 114 -6.24 -7.26 30.54
N ILE C 115 -5.91 -8.54 30.67
CA ILE C 115 -4.52 -8.93 30.82
C ILE C 115 -3.80 -8.83 29.48
N LEU C 116 -4.50 -9.14 28.38
CA LEU C 116 -3.95 -8.97 27.04
C LEU C 116 -4.11 -7.54 26.53
N GLY C 117 -5.05 -6.78 27.07
CA GLY C 117 -5.28 -5.42 26.63
C GLY C 117 -6.24 -5.28 25.48
N GLY C 118 -6.97 -6.33 25.12
CA GLY C 118 -7.93 -6.26 24.04
C GLY C 118 -8.73 -7.54 23.96
N ARG C 119 -9.70 -7.53 23.05
CA ARG C 119 -10.52 -8.71 22.80
C ARG C 119 -9.81 -9.63 21.82
N THR C 120 -10.42 -10.78 21.54
CA THR C 120 -9.92 -11.72 20.55
C THR C 120 -11.03 -12.05 19.58
N ILE C 121 -10.76 -11.88 18.29
CA ILE C 121 -11.73 -12.17 17.24
C ILE C 121 -11.12 -13.17 16.27
N SER C 122 -11.98 -13.92 15.59
CA SER C 122 -11.57 -14.93 14.63
C SER C 122 -12.26 -14.68 13.30
N ILE C 123 -11.48 -14.57 12.23
CA ILE C 123 -12.00 -14.27 10.90
C ILE C 123 -11.75 -15.49 10.02
N GLY C 124 -12.83 -16.10 9.54
CA GLY C 124 -12.76 -17.34 8.79
C GLY C 124 -12.87 -17.12 7.29
N TYR C 125 -12.22 -18.01 6.54
CA TYR C 125 -12.26 -18.00 5.09
C TYR C 125 -12.48 -19.43 4.58
N LEU C 126 -13.10 -19.53 3.40
CA LEU C 126 -13.38 -20.82 2.78
C LEU C 126 -12.61 -20.93 1.47
N GLY C 127 -11.97 -22.08 1.27
CA GLY C 127 -11.25 -22.33 0.03
C GLY C 127 -11.62 -23.69 -0.54
N LEU C 128 -11.62 -23.75 -1.87
CA LEU C 128 -11.95 -24.97 -2.60
C LEU C 128 -10.79 -25.34 -3.51
N VAL C 129 -10.19 -26.51 -3.25
CA VAL C 129 -9.07 -27.01 -4.03
C VAL C 129 -9.32 -28.47 -4.35
N ARG C 130 -8.40 -29.04 -5.12
CA ARG C 130 -8.36 -30.49 -5.38
C ARG C 130 -7.01 -31.01 -4.89
N GLU C 131 -7.04 -32.09 -4.12
CA GLU C 131 -5.86 -32.56 -3.42
C GLU C 131 -4.77 -32.96 -4.42
N GLN C 132 -3.53 -32.58 -4.11
CA GLN C 132 -2.38 -32.87 -4.94
C GLN C 132 -1.22 -33.29 -4.05
N SER C 136 8.30 -34.05 -3.05
CA SER C 136 9.62 -33.56 -2.67
C SER C 136 9.72 -33.38 -1.17
N GLY C 137 9.05 -32.34 -0.64
CA GLY C 137 9.04 -32.06 0.78
C GLY C 137 7.76 -32.52 1.45
N LYS C 138 7.48 -31.93 2.61
CA LYS C 138 6.27 -32.22 3.36
C LYS C 138 5.21 -31.18 3.08
N SER C 139 3.96 -31.62 3.03
CA SER C 139 2.85 -30.74 2.66
C SER C 139 1.71 -30.82 3.67
N ALA C 140 0.48 -30.78 3.17
CA ALA C 140 -0.70 -30.63 4.02
C ALA C 140 -1.26 -31.97 4.44
N PHE C 141 -1.82 -32.00 5.64
CA PHE C 141 -2.54 -33.16 6.16
C PHE C 141 -4.03 -32.94 5.94
N TRP C 142 -4.74 -34.03 5.64
CA TRP C 142 -6.15 -33.97 5.28
C TRP C 142 -6.97 -34.86 6.20
N HIS C 143 -8.03 -34.29 6.78
CA HIS C 143 -8.96 -35.02 7.62
C HIS C 143 -10.38 -34.76 7.13
N GLY C 144 -11.24 -35.75 7.31
CA GLY C 144 -12.60 -35.64 6.82
C GLY C 144 -13.44 -34.65 7.60
N TRP C 145 -14.40 -34.04 6.91
CA TRP C 145 -15.37 -33.16 7.56
C TRP C 145 -16.04 -33.86 8.73
N TYR C 146 -16.53 -35.08 8.50
CA TYR C 146 -17.42 -35.75 9.44
C TYR C 146 -16.68 -36.49 10.55
N GLU C 147 -15.35 -36.42 10.58
CA GLU C 147 -14.63 -36.75 11.81
C GLU C 147 -14.93 -35.72 12.89
N TYR C 148 -15.09 -34.46 12.48
CA TYR C 148 -15.42 -33.37 13.40
C TYR C 148 -16.90 -33.08 13.46
N PHE C 149 -17.69 -33.55 12.49
CA PHE C 149 -19.14 -33.35 12.50
C PHE C 149 -19.82 -34.61 11.98
N PRO C 150 -19.77 -35.70 12.77
CA PRO C 150 -20.42 -36.94 12.31
C PRO C 150 -21.93 -36.84 12.24
N TRP C 151 -22.54 -35.97 13.05
CA TRP C 151 -23.99 -35.80 13.00
C TRP C 151 -24.46 -34.99 11.80
N GLU C 152 -23.55 -34.52 10.96
CA GLU C 152 -23.90 -33.74 9.78
C GLU C 152 -23.89 -34.56 8.50
N ASP C 153 -23.62 -35.86 8.57
CA ASP C 153 -23.59 -36.74 7.41
C ASP C 153 -24.74 -37.73 7.52
N HIS C 154 -25.75 -37.58 6.66
CA HIS C 154 -26.91 -38.47 6.64
C HIS C 154 -26.99 -39.26 5.34
N ARG C 155 -25.87 -39.40 4.61
CA ARG C 155 -25.86 -40.21 3.40
C ARG C 155 -26.18 -41.67 3.71
N GLN C 156 -25.59 -42.20 4.78
CA GLN C 156 -25.89 -43.55 5.26
C GLN C 156 -26.94 -43.52 6.36
N GLY C 157 -27.99 -42.71 6.19
CA GLY C 157 -29.02 -42.61 7.19
C GLY C 157 -28.59 -41.81 8.40
N ARG C 158 -29.50 -41.77 9.37
CA ARG C 158 -29.25 -41.07 10.63
C ARG C 158 -28.05 -41.67 11.34
N PRO C 159 -27.01 -40.90 11.62
CA PRO C 159 -25.83 -41.46 12.29
C PRO C 159 -26.16 -41.90 13.72
N ASP C 160 -25.45 -42.94 14.15
CA ASP C 160 -25.72 -43.55 15.45
C ASP C 160 -25.49 -42.57 16.60
N ILE C 161 -24.52 -41.66 16.44
CA ILE C 161 -24.18 -40.73 17.51
C ILE C 161 -25.31 -39.73 17.78
N LEU C 162 -26.25 -39.59 16.84
CA LEU C 162 -27.24 -38.53 16.96
C LEU C 162 -28.26 -38.81 18.07
N ASP C 163 -28.49 -40.08 18.39
CA ASP C 163 -29.43 -40.40 19.47
C ASP C 163 -28.90 -39.94 20.82
N SER C 164 -27.59 -40.08 21.06
CA SER C 164 -27.02 -39.63 22.32
C SER C 164 -27.02 -38.11 22.41
N ILE C 165 -26.78 -37.43 21.29
CA ILE C 165 -26.79 -35.96 21.28
C ILE C 165 -28.19 -35.44 21.63
N ILE C 166 -29.22 -36.01 21.02
CA ILE C 166 -30.58 -35.57 21.29
C ILE C 166 -30.94 -35.77 22.75
N ASP C 167 -30.49 -36.87 23.35
CA ASP C 167 -30.78 -37.14 24.75
C ASP C 167 -30.16 -36.08 25.65
N LYS C 168 -28.85 -35.85 25.51
CA LYS C 168 -28.18 -34.85 26.34
C LYS C 168 -28.64 -33.44 26.02
N LEU C 169 -29.06 -33.18 24.78
CA LEU C 169 -29.60 -31.87 24.44
C LEU C 169 -30.99 -31.67 25.05
N ARG C 170 -31.79 -32.73 25.10
CA ARG C 170 -33.10 -32.64 25.73
C ARG C 170 -32.97 -32.43 27.24
N ALA C 171 -32.00 -33.09 27.86
CA ALA C 171 -31.79 -32.91 29.30
C ALA C 171 -31.37 -31.48 29.62
N TRP C 172 -30.54 -30.88 28.77
CA TRP C 172 -30.16 -29.49 28.97
C TRP C 172 -31.34 -28.56 28.71
N ALA C 173 -32.14 -28.87 27.69
CA ALA C 173 -33.30 -28.05 27.37
C ALA C 173 -34.34 -28.05 28.49
N ASP C 174 -34.35 -29.09 29.32
CA ASP C 174 -35.31 -29.19 30.42
C ASP C 174 -34.68 -28.95 31.78
N SER C 175 -33.38 -28.66 31.83
CA SER C 175 -32.70 -28.49 33.12
C SER C 175 -33.16 -27.24 33.87
N GLU C 176 -33.70 -26.25 33.16
CA GLU C 176 -34.12 -24.99 33.75
C GLU C 176 -35.51 -24.66 33.23
N PRO C 177 -36.56 -24.85 34.04
CA PRO C 177 -37.93 -24.66 33.54
C PRO C 177 -38.22 -23.28 32.99
N ASP C 178 -37.60 -22.23 33.55
CA ASP C 178 -37.82 -20.88 33.06
C ASP C 178 -37.23 -20.66 31.67
N SER C 179 -36.28 -21.50 31.25
CA SER C 179 -35.68 -21.40 29.93
C SER C 179 -36.06 -22.57 29.02
N ARG C 180 -36.95 -23.46 29.47
CA ARG C 180 -37.23 -24.68 28.72
C ARG C 180 -37.90 -24.36 27.37
N ALA C 181 -38.88 -23.46 27.38
CA ALA C 181 -39.64 -23.19 26.16
C ALA C 181 -38.74 -22.58 25.08
N GLN C 182 -37.86 -21.65 25.47
CA GLN C 182 -36.99 -21.02 24.48
C GLN C 182 -35.92 -22.00 23.99
N ARG C 183 -35.42 -22.86 24.88
CA ARG C 183 -34.39 -23.82 24.47
C ARG C 183 -34.95 -24.89 23.56
N HIS C 184 -36.20 -25.31 23.79
CA HIS C 184 -36.83 -26.26 22.89
C HIS C 184 -37.01 -25.67 21.50
N LEU C 185 -37.31 -24.37 21.43
CA LEU C 185 -37.45 -23.71 20.13
C LEU C 185 -36.14 -23.72 19.36
N ARG C 186 -35.03 -23.39 20.03
CA ARG C 186 -33.72 -23.43 19.36
C ARG C 186 -33.33 -24.85 19.00
N ALA C 187 -33.60 -25.81 19.89
CA ALA C 187 -33.22 -27.19 19.62
C ALA C 187 -34.05 -27.79 18.50
N ASP C 188 -35.32 -27.42 18.39
CA ASP C 188 -36.13 -27.88 17.27
C ASP C 188 -35.75 -27.20 15.97
N PHE C 189 -35.36 -25.93 16.03
CA PHE C 189 -34.96 -25.22 14.83
C PHE C 189 -33.65 -25.77 14.26
N THR C 190 -32.77 -26.27 15.13
CA THR C 190 -31.46 -26.75 14.71
C THR C 190 -31.41 -28.27 14.56
N PHE C 191 -31.87 -29.01 15.57
CA PHE C 191 -31.78 -30.47 15.56
C PHE C 191 -33.11 -31.17 15.36
N GLY C 192 -34.23 -30.45 15.37
CA GLY C 192 -35.52 -31.08 15.29
C GLY C 192 -35.86 -31.84 16.54
N LEU C 193 -35.66 -31.20 17.70
CA LEU C 193 -35.93 -31.85 18.97
C LEU C 193 -37.42 -32.10 19.17
N ASP C 194 -38.27 -31.15 18.76
CA ASP C 194 -39.71 -31.24 18.93
C ASP C 194 -40.41 -31.74 17.67
N GLY C 195 -39.73 -32.56 16.86
CA GLY C 195 -40.33 -33.11 15.66
C GLY C 195 -40.19 -32.25 14.42
N GLY C 196 -39.34 -31.24 14.43
CA GLY C 196 -39.13 -30.42 13.26
C GLY C 196 -38.31 -31.13 12.20
N GLY C 197 -38.14 -30.45 11.07
CA GLY C 197 -37.39 -30.99 9.96
C GLY C 197 -35.90 -30.92 10.19
N TRP C 198 -35.15 -30.96 9.09
CA TRP C 198 -33.69 -30.91 9.13
C TRP C 198 -33.21 -30.01 8.00
N ASN C 199 -32.61 -28.87 8.36
CA ASN C 199 -31.98 -27.97 7.41
C ASN C 199 -30.48 -28.19 7.49
N GLU C 200 -29.89 -28.73 6.42
CA GLU C 200 -28.47 -29.04 6.44
C GLU C 200 -27.59 -27.78 6.44
N GLU C 201 -28.15 -26.61 6.18
CA GLU C 201 -27.39 -25.37 6.17
C GLU C 201 -27.12 -24.84 7.58
N LEU C 202 -27.75 -25.39 8.60
CA LEU C 202 -27.64 -24.87 9.96
C LEU C 202 -26.53 -25.53 10.76
N THR C 203 -25.40 -25.84 10.13
CA THR C 203 -24.31 -26.52 10.82
C THR C 203 -23.73 -25.64 11.93
N LEU C 204 -23.51 -24.36 11.64
CA LEU C 204 -22.98 -23.45 12.65
C LEU C 204 -23.95 -23.31 13.82
N GLN C 205 -25.24 -23.16 13.52
CA GLN C 205 -26.23 -22.99 14.57
C GLN C 205 -26.38 -24.27 15.41
N ARG C 206 -26.21 -25.44 14.79
CA ARG C 206 -26.24 -26.68 15.55
C ARG C 206 -25.01 -26.77 16.46
N TYR C 207 -23.84 -26.39 15.96
CA TYR C 207 -22.64 -26.45 16.77
C TYR C 207 -22.68 -25.45 17.92
N GLU C 208 -23.17 -24.24 17.65
CA GLU C 208 -23.25 -23.23 18.71
C GLU C 208 -24.21 -23.66 19.82
N LEU C 209 -25.28 -24.38 19.47
CA LEU C 209 -26.18 -24.89 20.49
C LEU C 209 -25.52 -25.97 21.33
N LEU C 210 -24.79 -26.89 20.68
CA LEU C 210 -24.06 -27.91 21.43
C LEU C 210 -23.00 -27.28 22.32
N TYR C 211 -22.44 -26.14 21.90
CA TYR C 211 -21.45 -25.45 22.72
C TYR C 211 -22.07 -24.87 23.98
N GLU C 212 -23.17 -24.13 23.84
CA GLU C 212 -23.82 -23.54 25.01
C GLU C 212 -24.36 -24.61 25.94
N ALA C 213 -24.80 -25.75 25.39
CA ALA C 213 -25.29 -26.85 26.20
C ALA C 213 -24.17 -27.68 26.82
N GLY C 214 -22.92 -27.30 26.61
CA GLY C 214 -21.79 -28.04 27.18
C GLY C 214 -21.68 -29.46 26.67
N LEU C 215 -21.93 -29.68 25.38
CA LEU C 215 -21.94 -31.01 24.81
C LEU C 215 -20.77 -31.25 23.86
N VAL C 216 -19.84 -30.31 23.76
CA VAL C 216 -18.62 -30.50 22.98
C VAL C 216 -17.43 -30.24 23.89
N GLY C 217 -16.33 -30.94 23.61
CA GLY C 217 -15.14 -30.80 24.44
C GLY C 217 -14.61 -29.38 24.50
N GLU C 218 -14.86 -28.59 23.46
CA GLU C 218 -14.44 -27.20 23.47
C GLU C 218 -15.12 -26.42 24.60
N ALA C 219 -16.36 -26.78 24.94
CA ALA C 219 -17.07 -26.07 26.00
C ALA C 219 -16.46 -26.29 27.38
N GLN C 220 -15.56 -27.28 27.53
CA GLN C 220 -14.93 -27.66 28.79
C GLN C 220 -15.87 -27.50 29.98
N SER C 221 -16.90 -28.33 30.05
CA SER C 221 -17.91 -28.27 31.08
C SER C 221 -17.46 -29.04 32.33
N GLU C 222 -18.30 -29.00 33.38
CA GLU C 222 -17.91 -29.61 34.64
C GLU C 222 -17.77 -31.12 34.53
N PRO C 223 -18.76 -31.88 34.02
CA PRO C 223 -18.45 -33.23 33.52
C PRO C 223 -18.25 -33.19 32.02
N ARG C 224 -17.07 -33.59 31.55
CA ARG C 224 -16.72 -33.42 30.15
C ARG C 224 -17.63 -34.26 29.26
N ILE C 225 -18.36 -33.60 28.37
CA ILE C 225 -19.23 -34.25 27.40
C ILE C 225 -18.83 -33.75 26.01
N ASN C 226 -18.52 -34.67 25.10
CA ASN C 226 -18.06 -34.29 23.78
C ASN C 226 -18.57 -35.27 22.73
N PHE C 227 -18.88 -34.73 21.56
CA PHE C 227 -19.23 -35.52 20.40
C PHE C 227 -18.34 -35.09 19.23
N GLY C 228 -17.86 -36.07 18.47
CA GLY C 228 -16.93 -35.80 17.39
C GLY C 228 -15.56 -35.41 17.89
N ARG C 229 -14.62 -35.32 16.96
CA ARG C 229 -13.26 -34.93 17.29
C ARG C 229 -13.16 -33.44 17.56
N PRO C 230 -12.82 -33.01 18.77
CA PRO C 230 -12.70 -31.58 19.05
C PRO C 230 -11.50 -30.97 18.33
N PHE C 232 -8.54 -27.38 18.04
CA PHE C 232 -7.79 -26.30 18.65
C PHE C 232 -8.62 -25.02 18.66
N ALA C 233 -8.70 -24.37 19.82
CA ALA C 233 -9.35 -23.07 20.01
C ALA C 233 -10.79 -23.16 19.54
N ASP C 234 -11.24 -22.32 18.60
CA ASP C 234 -12.61 -22.33 18.10
C ASP C 234 -12.68 -22.74 16.64
N HIS C 235 -11.75 -23.60 16.21
CA HIS C 235 -11.65 -23.92 14.78
C HIS C 235 -12.81 -24.81 14.32
N ARG C 236 -13.41 -25.59 15.23
CA ARG C 236 -14.62 -26.31 14.86
C ARG C 236 -15.76 -25.35 14.57
N ARG C 237 -15.82 -24.22 15.28
CA ARG C 237 -16.83 -23.21 14.96
C ARG C 237 -16.60 -22.64 13.57
N ILE C 238 -15.34 -22.37 13.22
CA ILE C 238 -15.02 -21.86 11.89
C ILE C 238 -15.36 -22.90 10.82
N LEU C 239 -15.01 -24.17 11.08
CA LEU C 239 -15.29 -25.23 10.12
C LEU C 239 -16.79 -25.39 9.90
N ALA C 240 -17.58 -25.27 10.96
CA ALA C 240 -19.03 -25.33 10.82
C ALA C 240 -19.55 -24.20 9.95
N THR C 241 -18.90 -23.03 9.99
CA THR C 241 -19.30 -21.92 9.14
C THR C 241 -18.97 -22.21 7.68
N GLY C 242 -17.82 -22.84 7.42
CA GLY C 242 -17.45 -23.16 6.06
C GLY C 242 -18.35 -24.22 5.45
N ILE C 243 -18.69 -25.25 6.22
CA ILE C 243 -19.59 -26.29 5.73
C ILE C 243 -20.95 -25.70 5.41
N ALA C 244 -21.47 -24.84 6.30
CA ALA C 244 -22.76 -24.21 6.06
C ALA C 244 -22.70 -23.29 4.84
N ARG C 245 -21.55 -22.65 4.60
CA ARG C 245 -21.41 -21.78 3.44
C ARG C 245 -21.44 -22.58 2.14
N LEU C 246 -20.74 -23.71 2.10
CA LEU C 246 -20.74 -24.54 0.90
C LEU C 246 -22.12 -25.15 0.63
N ARG C 247 -22.80 -25.62 1.68
CA ARG C 247 -24.10 -26.24 1.51
C ARG C 247 -25.13 -25.24 0.99
N ALA C 248 -25.07 -24.00 1.47
CA ALA C 248 -25.96 -22.98 0.94
C ALA C 248 -25.60 -22.61 -0.50
N LYS C 249 -24.32 -22.72 -0.85
CA LYS C 249 -23.87 -22.41 -2.20
C LYS C 249 -24.29 -23.49 -3.21
N ILE C 250 -24.30 -24.76 -2.79
CA ILE C 250 -24.60 -25.84 -3.71
C ILE C 250 -26.09 -26.18 -3.80
N LYS C 251 -26.89 -25.72 -2.82
CA LYS C 251 -28.31 -26.06 -2.83
C LYS C 251 -29.02 -25.50 -4.06
N TYR C 252 -28.62 -24.31 -4.50
CA TYR C 252 -29.27 -23.66 -5.63
C TYR C 252 -28.41 -23.56 -6.87
N ARG C 253 -27.08 -23.48 -6.73
CA ARG C 253 -26.19 -23.37 -7.88
C ARG C 253 -24.87 -24.05 -7.54
N PRO C 254 -24.75 -25.35 -7.80
CA PRO C 254 -23.51 -26.07 -7.46
C PRO C 254 -22.36 -25.75 -8.40
N VAL C 255 -21.68 -24.63 -8.16
CA VAL C 255 -20.50 -24.24 -8.93
C VAL C 255 -19.30 -24.81 -8.16
N VAL C 256 -18.93 -26.04 -8.49
CA VAL C 256 -17.90 -26.76 -7.74
C VAL C 256 -16.79 -27.24 -8.66
N PHE C 257 -16.49 -26.46 -9.70
CA PHE C 257 -15.43 -26.84 -10.62
C PHE C 257 -14.06 -26.89 -9.95
N GLU C 258 -13.89 -26.20 -8.82
CA GLU C 258 -12.63 -26.26 -8.09
C GLU C 258 -12.45 -27.59 -7.37
N LEU C 259 -13.53 -28.32 -7.09
CA LEU C 259 -13.45 -29.59 -6.41
C LEU C 259 -13.38 -30.78 -7.36
N ALA C 261 -12.30 -32.75 -11.23
CA ALA C 261 -11.33 -32.75 -12.31
C ALA C 261 -11.89 -31.96 -13.49
N ASP C 262 -11.08 -31.83 -14.54
CA ASP C 262 -11.52 -31.07 -15.71
C ASP C 262 -12.72 -31.73 -16.38
N SER C 263 -12.86 -33.04 -16.25
CA SER C 263 -13.99 -33.77 -16.80
C SER C 263 -14.46 -34.79 -15.79
N PHE C 264 -15.77 -35.06 -15.80
CA PHE C 264 -16.37 -35.93 -14.81
C PHE C 264 -17.68 -36.48 -15.35
N THR C 265 -18.15 -37.56 -14.75
CA THR C 265 -19.46 -38.10 -15.05
C THR C 265 -20.53 -37.42 -14.21
N LEU C 266 -21.78 -37.57 -14.63
CA LEU C 266 -22.89 -37.00 -13.87
C LEU C 266 -23.04 -37.67 -12.51
N LEU C 267 -22.65 -38.95 -12.41
CA LEU C 267 -22.70 -39.63 -11.12
C LEU C 267 -21.64 -39.08 -10.17
N GLN C 268 -20.44 -38.79 -10.69
CA GLN C 268 -19.40 -38.21 -9.85
C GLN C 268 -19.81 -36.83 -9.35
N LEU C 269 -20.50 -36.06 -10.19
CA LEU C 269 -21.00 -34.76 -9.77
C LEU C 269 -22.00 -34.92 -8.62
N GLN C 270 -22.94 -35.85 -8.76
CA GLN C 270 -23.93 -36.07 -7.72
C GLN C 270 -23.28 -36.57 -6.42
N ARG C 271 -22.34 -37.50 -6.53
CA ARG C 271 -21.71 -38.07 -5.34
C ARG C 271 -20.99 -36.99 -4.53
N ALA C 272 -20.37 -36.03 -5.21
CA ALA C 272 -19.66 -34.97 -4.51
C ALA C 272 -20.62 -33.96 -3.88
N ILE C 273 -21.70 -33.61 -4.59
CA ILE C 273 -22.73 -32.76 -4.00
C ILE C 273 -23.34 -33.44 -2.78
N GLU C 274 -23.60 -34.75 -2.88
CA GLU C 274 -24.11 -35.50 -1.74
C GLU C 274 -23.11 -35.51 -0.60
N ALA C 275 -21.81 -35.59 -0.92
CA ALA C 275 -20.78 -35.58 0.11
C ALA C 275 -20.72 -34.23 0.82
N LEU C 276 -20.93 -33.14 0.07
CA LEU C 276 -20.88 -31.81 0.68
C LEU C 276 -22.13 -31.55 1.52
N ALA C 277 -23.30 -31.90 1.00
CA ALA C 277 -24.55 -31.65 1.70
C ALA C 277 -24.79 -32.64 2.83
N GLY C 278 -24.09 -33.76 2.85
CA GLY C 278 -24.36 -34.80 3.82
C GLY C 278 -25.71 -35.46 3.65
N LEU C 279 -26.25 -35.43 2.43
CA LEU C 279 -27.58 -35.97 2.16
C LEU C 279 -27.53 -36.76 0.85
N THR C 280 -28.41 -37.75 0.76
CA THR C 280 -28.58 -38.49 -0.49
C THR C 280 -29.60 -37.79 -1.37
N LEU C 281 -29.20 -37.47 -2.59
CA LEU C 281 -30.05 -36.75 -3.52
C LEU C 281 -30.78 -37.70 -4.45
N HIS C 282 -31.92 -37.23 -4.96
CA HIS C 282 -32.67 -37.98 -5.96
C HIS C 282 -32.04 -37.78 -7.33
N LYS C 283 -31.83 -38.89 -8.04
CA LYS C 283 -31.05 -38.85 -9.27
C LYS C 283 -31.72 -37.97 -10.33
N GLN C 284 -32.91 -38.37 -10.79
CA GLN C 284 -33.56 -37.65 -11.87
C GLN C 284 -33.83 -36.20 -11.51
N ASN C 285 -34.13 -35.94 -10.24
CA ASN C 285 -34.35 -34.56 -9.78
C ASN C 285 -33.06 -33.76 -9.88
N PHE C 286 -31.95 -34.32 -9.40
CA PHE C 286 -30.66 -33.63 -9.47
C PHE C 286 -30.22 -33.40 -10.90
N ARG C 287 -30.59 -34.30 -11.82
CA ARG C 287 -30.23 -34.11 -13.22
C ARG C 287 -30.96 -32.92 -13.83
N ARG C 288 -32.19 -32.67 -13.41
CA ARG C 288 -32.94 -31.53 -13.93
C ARG C 288 -32.33 -30.21 -13.44
N LEU C 289 -31.94 -30.15 -12.16
CA LEU C 289 -31.38 -28.91 -11.61
C LEU C 289 -30.09 -28.53 -12.31
N ILE C 290 -29.28 -29.52 -12.70
CA ILE C 290 -28.00 -29.22 -13.34
C ILE C 290 -28.21 -28.62 -14.72
N GLU C 291 -29.17 -29.15 -15.48
CA GLU C 291 -29.42 -28.63 -16.83
C GLU C 291 -30.18 -27.31 -16.79
N GLN C 292 -31.01 -27.09 -15.78
CA GLN C 292 -31.71 -25.81 -15.65
C GLN C 292 -30.73 -24.68 -15.39
N GLN C 293 -29.71 -24.93 -14.56
CA GLN C 293 -28.70 -23.93 -14.25
C GLN C 293 -27.71 -23.73 -15.39
N GLN C 294 -27.66 -24.64 -16.36
CA GLN C 294 -26.75 -24.54 -17.50
C GLN C 294 -25.29 -24.45 -17.03
N LEU C 295 -24.94 -25.30 -16.08
CA LEU C 295 -23.60 -25.31 -15.52
C LEU C 295 -22.64 -26.26 -16.23
N VAL C 296 -23.16 -27.27 -16.94
CA VAL C 296 -22.35 -28.36 -17.44
C VAL C 296 -22.62 -28.57 -18.93
N GLU C 297 -21.69 -29.25 -19.59
CA GLU C 297 -21.81 -29.59 -20.99
C GLU C 297 -20.99 -30.84 -21.27
N GLU C 298 -21.30 -31.49 -22.40
CA GLU C 298 -20.65 -32.74 -22.77
C GLU C 298 -19.32 -32.47 -23.47
N THR C 299 -18.30 -33.25 -23.09
CA THR C 299 -16.99 -33.17 -23.73
C THR C 299 -16.86 -34.10 -24.92
N GLY C 300 -17.81 -35.01 -25.12
CA GLY C 300 -17.77 -35.96 -26.22
C GLY C 300 -17.04 -37.25 -25.92
N ASP C 301 -16.18 -37.26 -24.91
CA ASP C 301 -15.43 -38.46 -24.56
C ASP C 301 -16.20 -39.33 -23.58
N ALA C 303 -15.93 -42.73 -20.44
CA ALA C 303 -15.14 -43.28 -19.35
C ALA C 303 -15.91 -44.42 -18.70
N THR C 304 -15.18 -45.44 -18.28
CA THR C 304 -15.74 -46.59 -17.57
C THR C 304 -15.52 -46.40 -16.08
N GLU C 305 -16.59 -46.53 -15.30
CA GLU C 305 -16.55 -46.26 -13.87
C GLU C 305 -15.95 -47.43 -13.11
N THR C 306 -15.92 -47.32 -11.78
CA THR C 306 -15.61 -48.46 -10.93
C THR C 306 -16.63 -49.58 -11.14
N GLY C 307 -17.89 -49.21 -11.37
CA GLY C 307 -18.92 -50.17 -11.72
C GLY C 307 -18.77 -50.69 -13.13
N GLY C 308 -19.88 -51.06 -13.76
CA GLY C 308 -19.81 -51.65 -15.08
C GLY C 308 -20.21 -50.72 -16.21
N ARG C 309 -21.02 -49.71 -15.92
CA ARG C 309 -21.57 -48.89 -16.99
C ARG C 309 -20.54 -47.86 -17.45
N PRO C 310 -20.41 -47.67 -18.77
CA PRO C 310 -19.73 -46.48 -19.27
C PRO C 310 -20.68 -45.28 -19.28
N ALA C 311 -20.11 -44.10 -19.08
CA ALA C 311 -20.92 -42.90 -18.93
C ALA C 311 -20.29 -41.74 -19.71
N LYS C 312 -21.13 -40.79 -20.08
CA LYS C 312 -20.65 -39.58 -20.73
C LYS C 312 -19.90 -38.70 -19.74
N LEU C 313 -18.76 -38.19 -20.16
CA LEU C 313 -17.98 -37.26 -19.34
C LEU C 313 -18.49 -35.84 -19.55
N PHE C 314 -18.43 -35.05 -18.49
CA PHE C 314 -18.99 -33.70 -18.48
C PHE C 314 -17.96 -32.73 -17.91
N ARG C 315 -18.07 -31.47 -18.33
CA ARG C 315 -17.21 -30.41 -17.83
C ARG C 315 -18.06 -29.17 -17.56
N PHE C 316 -17.63 -28.39 -16.57
CA PHE C 316 -18.27 -27.11 -16.32
C PHE C 316 -17.98 -26.15 -17.48
N ARG C 317 -19.01 -25.44 -17.92
CA ARG C 317 -18.87 -24.55 -19.07
C ARG C 317 -17.86 -23.45 -18.78
N GLN C 318 -17.26 -22.91 -19.84
CA GLN C 318 -16.30 -21.84 -19.69
C GLN C 318 -16.91 -20.56 -19.12
N THR C 319 -18.24 -20.48 -19.07
CA THR C 319 -18.88 -19.28 -18.52
C THR C 319 -18.73 -19.22 -17.00
N VAL C 320 -18.92 -20.35 -16.32
CA VAL C 320 -18.85 -20.34 -14.86
C VAL C 320 -17.41 -20.25 -14.39
N LEU C 321 -16.45 -20.67 -15.21
CA LEU C 321 -15.05 -20.52 -14.84
C LEU C 321 -14.59 -19.08 -14.95
N ASP C 322 -15.08 -18.36 -15.97
CA ASP C 322 -14.65 -16.98 -16.18
C ASP C 322 -15.33 -16.03 -15.20
N GLU C 323 -16.61 -16.26 -14.88
CA GLU C 323 -17.31 -15.35 -13.97
C GLU C 323 -16.73 -15.45 -12.56
N ARG C 324 -16.26 -16.62 -12.16
CA ARG C 324 -15.63 -16.76 -10.84
C ARG C 324 -14.29 -16.05 -10.80
N ALA C 325 -13.59 -15.98 -11.93
CA ALA C 325 -12.29 -15.30 -11.98
C ALA C 325 -12.42 -13.79 -12.00
N LEU C 326 -13.59 -13.25 -12.35
CA LEU C 326 -13.75 -11.81 -12.46
C LEU C 326 -13.90 -11.15 -11.10
N SER C 327 -14.41 -11.87 -10.11
CA SER C 327 -14.33 -11.48 -8.70
C SER C 327 -13.12 -12.12 -8.03
N GLY C 328 -11.98 -12.17 -8.72
CA GLY C 328 -10.85 -12.94 -8.23
C GLY C 328 -10.10 -12.35 -7.06
N THR C 329 -9.70 -11.09 -7.18
CA THR C 329 -8.89 -10.42 -6.17
C THR C 329 -9.80 -9.60 -5.26
N LYS C 330 -10.07 -10.11 -4.07
CA LYS C 330 -10.84 -9.41 -3.05
C LYS C 330 -9.87 -8.84 -2.03
N LEU C 331 -9.68 -7.52 -2.08
CA LEU C 331 -8.70 -6.79 -1.27
C LEU C 331 -9.31 -6.50 0.10
N PRO C 332 -8.59 -5.86 1.07
CA PRO C 332 -8.84 -6.13 2.49
C PRO C 332 -10.28 -6.19 2.97
N PHE D 35 11.49 -15.86 28.00
CA PHE D 35 10.57 -16.65 27.19
C PHE D 35 9.23 -15.93 27.09
N THR D 36 9.04 -15.17 26.02
CA THR D 36 7.88 -14.32 25.85
C THR D 36 7.13 -14.70 24.58
N VAL D 37 5.89 -14.21 24.49
CA VAL D 37 5.07 -14.30 23.29
C VAL D 37 4.55 -12.91 22.98
N THR D 38 4.64 -12.52 21.71
CA THR D 38 4.22 -11.20 21.27
C THR D 38 2.89 -11.30 20.55
N ILE D 39 1.90 -10.56 21.04
CA ILE D 39 0.55 -10.57 20.49
C ILE D 39 0.28 -9.20 19.86
N GLY D 40 -0.08 -9.21 18.58
CA GLY D 40 -0.40 -7.96 17.90
C GLY D 40 -1.85 -7.57 18.13
N LEU D 41 -2.08 -6.27 18.24
CA LEU D 41 -3.41 -5.72 18.44
C LEU D 41 -3.71 -4.69 17.37
N ALA D 42 -5.00 -4.55 17.06
CA ALA D 42 -5.45 -3.56 16.09
C ALA D 42 -6.80 -3.01 16.53
N HIS D 43 -7.17 -1.86 15.97
CA HIS D 43 -8.46 -1.26 16.29
C HIS D 43 -9.59 -2.13 15.74
N ALA D 44 -10.59 -2.39 16.58
CA ALA D 44 -11.77 -3.14 16.19
C ALA D 44 -12.96 -2.20 16.19
N GLU D 45 -13.55 -1.99 15.02
CA GLU D 45 -14.66 -1.06 14.84
C GLU D 45 -15.90 -1.81 14.38
N LEU D 46 -17.00 -1.63 15.12
CA LEU D 46 -18.29 -2.17 14.72
C LEU D 46 -19.04 -1.10 13.94
N ILE D 47 -19.50 -1.46 12.74
CA ILE D 47 -20.13 -0.50 11.83
C ILE D 47 -21.52 -1.00 11.47
N ALA D 48 -22.49 -0.10 11.47
CA ALA D 48 -23.89 -0.43 11.26
C ALA D 48 -24.36 0.10 9.91
N VAL D 49 -25.00 -0.76 9.13
CA VAL D 49 -25.67 -0.34 7.90
C VAL D 49 -27.16 -0.56 8.08
N VAL D 50 -27.86 0.45 8.58
CA VAL D 50 -29.28 0.37 8.87
C VAL D 50 -30.04 1.02 7.73
N THR D 51 -30.88 0.25 7.05
CA THR D 51 -31.56 0.67 5.83
C THR D 51 -33.05 0.78 6.07
N ALA D 52 -33.65 1.84 5.50
CA ALA D 52 -35.09 2.01 5.47
C ALA D 52 -35.50 2.45 4.07
N ILE D 53 -36.81 2.37 3.80
CA ILE D 53 -37.37 2.78 2.53
C ILE D 53 -38.44 3.83 2.82
N THR D 54 -38.17 5.07 2.41
CA THR D 54 -39.07 6.19 2.67
C THR D 54 -39.29 6.95 1.37
N THR D 55 -40.55 7.07 0.96
CA THR D 55 -40.95 7.78 -0.26
C THR D 55 -40.19 7.25 -1.48
N ASP D 56 -40.29 5.94 -1.69
CA ASP D 56 -39.70 5.25 -2.84
C ASP D 56 -38.18 5.41 -2.90
N GLU D 57 -37.55 5.78 -1.79
CA GLU D 57 -36.11 6.02 -1.76
C GLU D 57 -35.46 5.11 -0.73
N PRO D 58 -34.45 4.33 -1.11
CA PRO D 58 -33.68 3.57 -0.11
C PRO D 58 -32.70 4.49 0.62
N ARG D 59 -32.71 4.41 1.94
CA ARG D 59 -31.89 5.29 2.77
C ARG D 59 -31.09 4.47 3.77
N VAL D 60 -29.96 5.03 4.19
CA VAL D 60 -29.12 4.44 5.22
C VAL D 60 -28.95 5.46 6.34
N THR D 62 -27.12 7.59 9.01
CA THR D 62 -25.77 8.15 9.00
C THR D 62 -25.58 9.08 10.19
N VAL D 63 -24.31 9.27 10.56
CA VAL D 63 -23.93 10.26 11.55
C VAL D 63 -22.88 11.17 10.91
N ARG D 64 -22.34 12.10 11.69
CA ARG D 64 -21.25 12.97 11.23
C ARG D 64 -21.65 13.72 9.96
N GLU D 65 -22.88 14.25 9.95
CA GLU D 65 -23.42 15.01 8.82
C GLU D 65 -23.40 14.20 7.53
N GLY D 66 -23.72 12.91 7.63
CA GLY D 66 -23.80 12.06 6.46
C GLY D 66 -22.49 11.59 5.90
N ALA D 67 -21.37 11.90 6.56
CA ALA D 67 -20.06 11.48 6.10
C ALA D 67 -19.63 10.14 6.66
N ALA D 68 -20.44 9.52 7.53
CA ALA D 68 -20.05 8.26 8.14
C ALA D 68 -21.31 7.51 8.57
N LEU D 69 -21.13 6.22 8.80
CA LEU D 69 -22.10 5.29 9.34
C LEU D 69 -21.98 5.23 10.86
N PRO D 70 -23.06 4.88 11.56
CA PRO D 70 -22.96 4.73 13.02
C PRO D 70 -21.98 3.62 13.37
N SER D 71 -20.93 3.99 14.10
CA SER D 71 -19.86 3.05 14.40
C SER D 71 -19.30 3.33 15.79
N GLY D 72 -18.52 2.37 16.29
CA GLY D 72 -17.87 2.50 17.57
C GLY D 72 -16.93 1.33 17.82
N PRO D 73 -16.01 1.50 18.76
CA PRO D 73 -15.04 0.44 19.04
C PRO D 73 -15.66 -0.73 19.80
N PHE D 74 -15.12 -1.92 19.55
CA PHE D 74 -15.49 -3.11 20.30
C PHE D 74 -14.70 -3.13 21.60
N GLU D 75 -15.41 -3.08 22.73
CA GLU D 75 -14.81 -2.85 24.03
C GLU D 75 -14.92 -4.09 24.91
N PHE D 76 -14.28 -4.02 26.09
CA PHE D 76 -14.28 -5.14 27.01
C PHE D 76 -15.68 -5.43 27.55
N GLY D 77 -16.43 -4.38 27.88
CA GLY D 77 -17.76 -4.55 28.44
C GLY D 77 -18.80 -5.06 27.48
N HIS D 78 -18.52 -5.04 26.19
CA HIS D 78 -19.48 -5.50 25.19
C HIS D 78 -19.60 -7.02 25.25
N ARG D 79 -20.81 -7.52 25.52
CA ARG D 79 -21.02 -8.96 25.62
C ARG D 79 -20.73 -9.65 24.29
N THR D 80 -21.30 -9.13 23.21
CA THR D 80 -21.10 -9.68 21.88
C THR D 80 -20.79 -8.55 20.91
N LEU D 81 -20.38 -8.93 19.70
CA LEU D 81 -20.21 -7.96 18.63
C LEU D 81 -21.53 -7.25 18.33
N GLN D 82 -22.63 -8.01 18.32
CA GLN D 82 -23.94 -7.44 18.02
C GLN D 82 -24.37 -6.48 19.12
N SER D 83 -24.22 -6.88 20.38
CA SER D 83 -24.65 -6.03 21.49
C SER D 83 -23.79 -4.77 21.56
N GLY D 84 -22.50 -4.89 21.28
CA GLY D 84 -21.64 -3.71 21.28
C GLY D 84 -22.03 -2.71 20.21
N LEU D 85 -22.45 -3.19 19.05
CA LEU D 85 -22.89 -2.29 17.98
C LEU D 85 -24.22 -1.65 18.32
N ARG D 86 -25.12 -2.39 18.98
CA ARG D 86 -26.40 -1.82 19.37
C ARG D 86 -26.24 -0.69 20.36
N GLU D 87 -25.22 -0.76 21.22
CA GLU D 87 -24.95 0.35 22.14
C GLU D 87 -24.54 1.60 21.38
N TRP D 88 -23.72 1.44 20.35
CA TRP D 88 -23.30 2.60 19.57
C TRP D 88 -24.43 3.13 18.70
N ILE D 89 -25.30 2.26 18.18
CA ILE D 89 -26.47 2.72 17.44
C ILE D 89 -27.37 3.53 18.36
N HIS D 90 -27.58 3.04 19.58
CA HIS D 90 -28.43 3.75 20.53
C HIS D 90 -27.81 5.06 20.97
N GLU D 91 -26.52 5.05 21.31
CA GLU D 91 -25.87 6.24 21.83
C GLU D 91 -25.80 7.34 20.78
N GLN D 92 -25.63 6.98 19.51
CA GLN D 92 -25.41 7.96 18.45
C GLN D 92 -26.67 8.36 17.71
N THR D 93 -27.70 7.51 17.69
CA THR D 93 -28.90 7.79 16.91
C THR D 93 -30.18 7.71 17.73
N HIS D 94 -30.20 6.83 18.73
CA HIS D 94 -31.41 6.57 19.53
C HIS D 94 -32.59 6.12 18.67
N HIS D 95 -32.29 5.42 17.57
CA HIS D 95 -33.32 4.92 16.67
C HIS D 95 -33.50 3.43 16.89
N PRO D 96 -34.74 2.96 17.01
CA PRO D 96 -34.96 1.52 17.21
C PRO D 96 -34.42 0.70 16.05
N VAL D 97 -33.81 -0.44 16.37
CA VAL D 97 -33.25 -1.35 15.40
C VAL D 97 -33.74 -2.76 15.72
N GLY D 98 -34.18 -3.48 14.69
CA GLY D 98 -34.61 -4.85 14.87
C GLY D 98 -33.47 -5.84 14.76
N TYR D 99 -33.63 -6.82 13.87
CA TYR D 99 -32.61 -7.85 13.71
C TYR D 99 -31.38 -7.29 13.00
N LEU D 100 -30.27 -8.02 13.14
CA LEU D 100 -29.02 -7.67 12.48
C LEU D 100 -28.40 -8.92 11.89
N GLU D 101 -27.66 -8.74 10.81
CA GLU D 101 -26.90 -9.83 10.19
C GLU D 101 -25.52 -9.30 9.81
N GLN D 102 -24.49 -10.08 10.12
CA GLN D 102 -23.13 -9.65 9.87
C GLN D 102 -22.86 -9.58 8.37
N LEU D 103 -22.21 -8.49 7.94
CA LEU D 103 -22.00 -8.22 6.53
C LEU D 103 -20.63 -8.69 6.06
N TYR D 104 -19.58 -7.97 6.46
CA TYR D 104 -18.23 -8.25 5.98
C TYR D 104 -17.23 -7.61 6.92
N THR D 105 -16.02 -8.18 6.95
CA THR D 105 -14.93 -7.70 7.78
C THR D 105 -13.81 -7.20 6.88
N PHE D 106 -13.40 -5.95 7.07
CA PHE D 106 -12.36 -5.34 6.25
C PHE D 106 -11.22 -4.86 7.13
N ALA D 107 -10.01 -4.90 6.57
CA ALA D 107 -8.87 -4.20 7.13
C ALA D 107 -8.73 -2.85 6.46
N ASP D 108 -8.11 -1.90 7.16
CA ASP D 108 -8.01 -0.54 6.66
C ASP D 108 -7.05 -0.48 5.47
N ARG D 109 -7.12 0.65 4.76
CA ARG D 109 -6.24 0.94 3.63
C ARG D 109 -5.58 2.31 3.82
N ASP D 110 -5.17 2.61 5.05
CA ASP D 110 -4.60 3.90 5.35
C ASP D 110 -3.22 4.07 4.71
N ARG D 111 -2.89 5.32 4.36
CA ARG D 111 -1.60 5.66 3.80
C ARG D 111 -0.94 6.83 4.52
N ASN D 112 -1.45 7.20 5.70
CA ASN D 112 -0.97 8.38 6.40
C ASN D 112 -0.39 8.03 7.76
N GLY D 117 -0.15 5.20 13.50
CA GLY D 117 0.60 3.97 13.49
C GLY D 117 -0.17 2.78 14.04
N GLY D 118 -1.35 2.53 13.48
CA GLY D 118 -2.17 1.43 13.91
C GLY D 118 -3.17 0.98 12.86
N ARG D 119 -3.43 -0.33 12.80
CA ARG D 119 -4.39 -0.88 11.86
C ARG D 119 -5.79 -0.89 12.47
N THR D 120 -6.80 -0.89 11.60
CA THR D 120 -8.19 -0.88 12.01
C THR D 120 -8.93 -2.00 11.27
N ILE D 121 -9.61 -2.85 12.04
CA ILE D 121 -10.43 -3.93 11.49
C ILE D 121 -11.88 -3.52 11.70
N SER D 122 -12.63 -3.41 10.60
CA SER D 122 -14.01 -2.95 10.63
C SER D 122 -14.95 -4.13 10.39
N ILE D 123 -15.96 -4.25 11.24
CA ILE D 123 -16.96 -5.32 11.15
C ILE D 123 -18.31 -4.67 10.91
N GLY D 124 -18.93 -4.97 9.78
CA GLY D 124 -20.19 -4.38 9.39
C GLY D 124 -21.38 -5.28 9.63
N TYR D 125 -22.52 -4.66 9.93
CA TYR D 125 -23.79 -5.36 10.11
C TYR D 125 -24.88 -4.67 9.32
N LEU D 126 -25.87 -5.45 8.90
CA LEU D 126 -27.01 -4.94 8.15
C LEU D 126 -28.27 -5.02 8.99
N GLY D 127 -29.08 -3.97 8.93
CA GLY D 127 -30.34 -3.94 9.65
C GLY D 127 -31.44 -3.24 8.86
N LEU D 128 -32.62 -3.82 8.83
CA LEU D 128 -33.78 -3.25 8.14
C LEU D 128 -34.74 -2.70 9.18
N VAL D 129 -35.13 -1.43 9.01
CA VAL D 129 -36.03 -0.75 9.94
C VAL D 129 -36.99 0.11 9.13
N ARG D 130 -37.90 0.77 9.84
CA ARG D 130 -38.76 1.81 9.28
C ARG D 130 -38.28 3.16 9.80
N GLU D 131 -38.09 4.11 8.89
CA GLU D 131 -37.65 5.44 9.30
C GLU D 131 -38.70 6.09 10.19
N GLN D 132 -38.29 6.50 11.38
CA GLN D 132 -39.22 7.04 12.37
C GLN D 132 -38.47 8.00 13.29
N SER D 136 -38.76 11.77 21.27
CA SER D 136 -38.30 13.02 21.87
C SER D 136 -38.01 13.98 20.72
N GLY D 137 -37.38 15.11 21.03
CA GLY D 137 -37.06 16.10 20.00
C GLY D 137 -35.97 15.64 19.06
N LYS D 138 -35.08 14.77 19.52
CA LYS D 138 -33.97 14.29 18.71
C LYS D 138 -34.38 13.02 17.96
N SER D 139 -33.94 12.94 16.70
CA SER D 139 -34.17 11.77 15.87
C SER D 139 -32.92 11.52 15.03
N ALA D 140 -32.94 10.41 14.30
CA ALA D 140 -31.80 10.01 13.48
C ALA D 140 -31.81 10.76 12.15
N PHE D 141 -30.65 10.80 11.50
CA PHE D 141 -30.49 11.43 10.19
C PHE D 141 -30.30 10.35 9.13
N TRP D 142 -30.84 10.61 7.94
CA TRP D 142 -30.88 9.62 6.87
C TRP D 142 -30.39 10.22 5.56
N HIS D 143 -29.69 9.42 4.77
CA HIS D 143 -29.28 9.79 3.43
C HIS D 143 -29.57 8.63 2.49
N GLY D 144 -29.95 8.95 1.27
CA GLY D 144 -30.28 7.93 0.31
C GLY D 144 -29.06 7.11 -0.10
N TRP D 145 -29.32 5.86 -0.49
CA TRP D 145 -28.26 5.01 -1.03
C TRP D 145 -27.57 5.69 -2.20
N TYR D 146 -28.35 6.26 -3.10
CA TYR D 146 -27.84 6.73 -4.39
C TYR D 146 -27.23 8.12 -4.32
N GLU D 147 -27.20 8.74 -3.14
CA GLU D 147 -26.32 9.89 -2.94
C GLU D 147 -24.86 9.44 -2.92
N TYR D 148 -24.61 8.26 -2.36
CA TYR D 148 -23.27 7.69 -2.34
C TYR D 148 -22.99 6.82 -3.56
N PHE D 149 -24.00 6.15 -4.10
CA PHE D 149 -23.85 5.27 -5.26
C PHE D 149 -24.87 5.64 -6.32
N PRO D 150 -24.71 6.81 -6.96
CA PRO D 150 -25.69 7.22 -7.98
C PRO D 150 -25.71 6.33 -9.22
N TRP D 151 -24.61 5.64 -9.51
CA TRP D 151 -24.56 4.75 -10.66
C TRP D 151 -25.25 3.42 -10.42
N GLU D 152 -25.80 3.19 -9.23
CA GLU D 152 -26.45 1.93 -8.88
C GLU D 152 -27.96 1.96 -9.05
N ASP D 153 -28.53 3.09 -9.50
CA ASP D 153 -29.96 3.25 -9.67
C ASP D 153 -30.28 3.28 -11.16
N HIS D 154 -30.92 2.21 -11.64
CA HIS D 154 -31.30 2.07 -13.05
C HIS D 154 -32.80 1.99 -13.22
N ARG D 155 -33.56 2.54 -12.26
CA ARG D 155 -35.01 2.47 -12.33
C ARG D 155 -35.56 3.29 -13.50
N GLN D 156 -34.91 4.39 -13.85
CA GLN D 156 -35.30 5.21 -14.99
C GLN D 156 -34.33 5.05 -16.16
N GLY D 157 -33.76 3.86 -16.32
CA GLY D 157 -32.77 3.63 -17.36
C GLY D 157 -31.36 3.78 -16.85
N ARG D 158 -30.42 3.62 -17.78
CA ARG D 158 -29.01 3.78 -17.48
C ARG D 158 -28.75 5.21 -16.98
N PRO D 159 -28.16 5.38 -15.80
CA PRO D 159 -27.85 6.74 -15.34
C PRO D 159 -26.76 7.36 -16.19
N ASP D 160 -26.95 8.65 -16.51
CA ASP D 160 -26.00 9.36 -17.37
C ASP D 160 -24.62 9.45 -16.74
N ILE D 161 -24.52 9.32 -15.42
CA ILE D 161 -23.22 9.36 -14.76
C ILE D 161 -22.33 8.20 -15.19
N LEU D 162 -22.93 7.10 -15.67
CA LEU D 162 -22.14 5.95 -16.09
C LEU D 162 -21.31 6.25 -17.33
N ASP D 163 -21.74 7.19 -18.16
CA ASP D 163 -20.94 7.57 -19.33
C ASP D 163 -19.59 8.15 -18.90
N SER D 164 -19.61 9.04 -17.91
CA SER D 164 -18.35 9.62 -17.44
C SER D 164 -17.50 8.58 -16.72
N ILE D 165 -18.15 7.68 -15.96
CA ILE D 165 -17.42 6.64 -15.26
C ILE D 165 -16.77 5.67 -16.25
N ILE D 166 -17.49 5.29 -17.30
CA ILE D 166 -16.95 4.39 -18.30
C ILE D 166 -15.76 5.04 -19.00
N ASP D 167 -15.84 6.36 -19.24
CA ASP D 167 -14.74 7.07 -19.89
C ASP D 167 -13.46 7.01 -19.06
N LYS D 168 -13.55 7.40 -17.79
CA LYS D 168 -12.38 7.33 -16.91
C LYS D 168 -11.92 5.90 -16.71
N LEU D 169 -12.85 4.95 -16.68
CA LEU D 169 -12.48 3.55 -16.48
C LEU D 169 -11.79 2.97 -17.71
N ARG D 170 -12.21 3.39 -18.90
CA ARG D 170 -11.56 2.94 -20.13
C ARG D 170 -10.14 3.50 -20.23
N ALA D 171 -9.97 4.79 -19.93
CA ALA D 171 -8.64 5.38 -19.95
C ALA D 171 -7.72 4.70 -18.95
N TRP D 172 -8.26 4.27 -17.81
CA TRP D 172 -7.45 3.53 -16.84
C TRP D 172 -7.14 2.12 -17.35
N ALA D 173 -8.11 1.48 -18.01
CA ALA D 173 -7.89 0.13 -18.51
C ALA D 173 -6.94 0.13 -19.70
N ASP D 174 -6.86 1.23 -20.45
CA ASP D 174 -5.98 1.34 -21.59
C ASP D 174 -4.67 2.04 -21.26
N SER D 175 -4.43 2.40 -20.00
CA SER D 175 -3.22 3.12 -19.64
C SER D 175 -1.99 2.25 -19.80
N GLU D 176 -2.09 0.98 -19.43
CA GLU D 176 -0.96 0.04 -19.50
C GLU D 176 -1.35 -1.15 -20.38
N PRO D 177 -0.70 -1.35 -21.52
CA PRO D 177 -1.10 -2.44 -22.42
C PRO D 177 -0.91 -3.82 -21.82
N ASP D 178 0.07 -4.01 -20.93
CA ASP D 178 0.30 -5.32 -20.34
C ASP D 178 -0.87 -5.79 -19.50
N SER D 179 -1.64 -4.85 -18.94
CA SER D 179 -2.78 -5.18 -18.10
C SER D 179 -4.11 -4.78 -18.73
N ARG D 180 -4.10 -4.39 -20.01
CA ARG D 180 -5.32 -3.91 -20.64
C ARG D 180 -6.36 -5.02 -20.78
N ALA D 181 -5.92 -6.23 -21.13
CA ALA D 181 -6.86 -7.33 -21.32
C ALA D 181 -7.47 -7.77 -20.00
N GLN D 182 -6.65 -7.85 -18.94
CA GLN D 182 -7.18 -8.23 -17.63
C GLN D 182 -8.10 -7.16 -17.06
N ARG D 183 -7.79 -5.88 -17.30
CA ARG D 183 -8.62 -4.81 -16.75
C ARG D 183 -9.92 -4.66 -17.52
N HIS D 184 -9.89 -4.88 -18.84
CA HIS D 184 -11.11 -4.84 -19.62
C HIS D 184 -12.09 -5.92 -19.21
N LEU D 185 -11.58 -7.07 -18.75
CA LEU D 185 -12.45 -8.13 -18.25
C LEU D 185 -13.17 -7.70 -16.97
N ARG D 186 -12.43 -7.13 -16.03
CA ARG D 186 -13.04 -6.67 -14.78
C ARG D 186 -14.02 -5.53 -15.03
N ALA D 187 -13.63 -4.57 -15.89
CA ALA D 187 -14.50 -3.43 -16.15
C ALA D 187 -15.77 -3.83 -16.88
N ASP D 188 -15.71 -4.89 -17.69
CA ASP D 188 -16.90 -5.37 -18.38
C ASP D 188 -17.80 -6.15 -17.44
N PHE D 189 -17.22 -6.97 -16.56
CA PHE D 189 -18.03 -7.76 -15.64
C PHE D 189 -18.76 -6.86 -14.63
N THR D 190 -18.10 -5.80 -14.19
CA THR D 190 -18.66 -4.91 -13.18
C THR D 190 -19.56 -3.84 -13.78
N PHE D 191 -19.07 -3.11 -14.78
CA PHE D 191 -19.81 -1.98 -15.34
C PHE D 191 -20.32 -2.21 -16.75
N GLY D 192 -19.85 -3.23 -17.45
CA GLY D 192 -20.20 -3.39 -18.84
C GLY D 192 -19.39 -2.52 -19.79
N LEU D 193 -18.08 -2.41 -19.54
CA LEU D 193 -17.23 -1.61 -20.42
C LEU D 193 -17.25 -2.17 -21.85
N ASP D 194 -17.22 -3.49 -22.00
CA ASP D 194 -17.29 -4.14 -23.30
C ASP D 194 -18.68 -4.71 -23.58
N GLY D 195 -19.72 -3.95 -23.26
CA GLY D 195 -21.08 -4.37 -23.58
C GLY D 195 -21.65 -5.45 -22.69
N GLY D 196 -21.06 -5.67 -21.51
CA GLY D 196 -21.58 -6.68 -20.61
C GLY D 196 -22.89 -6.27 -19.97
N GLY D 197 -23.66 -7.27 -19.55
CA GLY D 197 -24.93 -7.02 -18.91
C GLY D 197 -24.76 -6.48 -17.51
N TRP D 198 -25.80 -5.78 -17.05
CA TRP D 198 -25.79 -5.16 -15.73
C TRP D 198 -26.28 -6.15 -14.68
N ASN D 199 -25.38 -6.52 -13.76
CA ASN D 199 -25.72 -7.36 -12.63
C ASN D 199 -25.72 -6.48 -11.38
N GLU D 200 -26.91 -6.25 -10.81
CA GLU D 200 -27.03 -5.33 -9.70
C GLU D 200 -26.43 -5.87 -8.41
N GLU D 201 -26.13 -7.17 -8.33
CA GLU D 201 -25.53 -7.73 -7.13
C GLU D 201 -24.06 -7.31 -6.97
N LEU D 202 -23.45 -6.80 -8.03
CA LEU D 202 -22.01 -6.51 -8.05
C LEU D 202 -21.69 -5.09 -7.58
N THR D 203 -22.43 -4.56 -6.61
CA THR D 203 -22.14 -3.20 -6.13
C THR D 203 -20.76 -3.12 -5.50
N LEU D 204 -20.39 -4.13 -4.72
CA LEU D 204 -19.09 -4.11 -4.05
C LEU D 204 -17.95 -4.20 -5.07
N GLN D 205 -18.07 -5.12 -6.02
CA GLN D 205 -17.03 -5.28 -7.04
C GLN D 205 -16.88 -4.02 -7.88
N ARG D 206 -17.98 -3.29 -8.10
CA ARG D 206 -17.88 -2.03 -8.84
C ARG D 206 -17.13 -0.97 -8.05
N TYR D 207 -17.38 -0.89 -6.74
CA TYR D 207 -16.69 0.10 -5.92
C TYR D 207 -15.22 -0.24 -5.75
N GLU D 208 -14.89 -1.53 -5.65
CA GLU D 208 -13.49 -1.94 -5.55
C GLU D 208 -12.72 -1.55 -6.81
N LEU D 209 -13.34 -1.70 -7.98
CA LEU D 209 -12.67 -1.36 -9.22
C LEU D 209 -12.49 0.16 -9.34
N LEU D 210 -13.49 0.93 -8.93
CA LEU D 210 -13.34 2.38 -8.91
C LEU D 210 -12.26 2.83 -7.94
N TYR D 211 -12.09 2.11 -6.84
CA TYR D 211 -11.05 2.45 -5.88
C TYR D 211 -9.67 2.18 -6.46
N GLU D 212 -9.48 1.01 -7.08
CA GLU D 212 -8.19 0.69 -7.67
C GLU D 212 -7.86 1.63 -8.82
N ALA D 213 -8.87 2.06 -9.58
CA ALA D 213 -8.66 3.00 -10.67
C ALA D 213 -8.51 4.44 -10.19
N GLY D 214 -8.70 4.70 -8.90
CA GLY D 214 -8.60 6.05 -8.38
C GLY D 214 -9.71 6.96 -8.82
N LEU D 215 -10.94 6.44 -8.93
CA LEU D 215 -12.08 7.22 -9.39
C LEU D 215 -13.03 7.59 -8.25
N VAL D 216 -12.64 7.35 -7.01
CA VAL D 216 -13.40 7.78 -5.84
C VAL D 216 -12.46 8.51 -4.90
N GLY D 217 -13.04 9.42 -4.11
CA GLY D 217 -12.22 10.26 -3.24
C GLY D 217 -11.45 9.47 -2.19
N GLU D 218 -11.97 8.32 -1.77
CA GLU D 218 -11.32 7.53 -0.74
C GLU D 218 -10.00 6.93 -1.23
N ALA D 219 -9.77 6.90 -2.53
CA ALA D 219 -8.53 6.35 -3.08
C ALA D 219 -7.40 7.36 -3.02
N ILE D 225 -10.16 12.50 -8.69
CA ILE D 225 -11.43 12.15 -9.33
C ILE D 225 -12.31 11.36 -8.37
N ASN D 226 -13.57 11.78 -8.25
CA ASN D 226 -14.52 11.15 -7.34
C ASN D 226 -15.91 11.12 -7.97
N PHE D 227 -16.61 10.02 -7.77
CA PHE D 227 -18.00 9.88 -8.19
C PHE D 227 -18.86 9.50 -6.99
N GLY D 228 -20.00 10.17 -6.85
CA GLY D 228 -20.85 9.98 -5.70
C GLY D 228 -20.27 10.65 -4.47
N ARG D 229 -21.07 10.70 -3.41
CA ARG D 229 -20.61 11.33 -2.17
C ARG D 229 -19.70 10.38 -1.41
N PRO D 230 -18.48 10.80 -1.07
CA PRO D 230 -17.59 9.92 -0.31
C PRO D 230 -17.97 9.90 1.18
N PHE D 232 -16.26 8.81 5.35
CA PHE D 232 -15.04 8.67 6.13
C PHE D 232 -14.52 7.23 6.03
N ALA D 233 -13.19 7.11 5.96
CA ALA D 233 -12.49 5.81 5.93
C ALA D 233 -13.07 4.97 4.79
N ASP D 234 -13.39 3.70 5.01
CA ASP D 234 -14.00 2.83 4.01
C ASP D 234 -15.45 2.52 4.36
N HIS D 235 -16.20 3.55 4.77
CA HIS D 235 -17.60 3.33 5.12
C HIS D 235 -18.47 3.13 3.89
N ARG D 236 -18.12 3.77 2.77
CA ARG D 236 -18.82 3.46 1.52
C ARG D 236 -18.58 2.03 1.09
N ARG D 237 -17.41 1.47 1.44
CA ARG D 237 -17.16 0.06 1.16
C ARG D 237 -18.07 -0.84 1.98
N ILE D 238 -18.26 -0.50 3.27
CA ILE D 238 -19.21 -1.23 4.11
C ILE D 238 -20.62 -1.07 3.57
N LEU D 239 -20.97 0.15 3.12
CA LEU D 239 -22.29 0.39 2.57
C LEU D 239 -22.52 -0.41 1.29
N ALA D 240 -21.49 -0.55 0.46
CA ALA D 240 -21.61 -1.35 -0.75
C ALA D 240 -21.90 -2.81 -0.42
N THR D 241 -21.31 -3.33 0.66
CA THR D 241 -21.58 -4.71 1.05
C THR D 241 -23.01 -4.87 1.54
N GLY D 242 -23.54 -3.85 2.23
CA GLY D 242 -24.93 -3.90 2.66
C GLY D 242 -25.89 -3.90 1.50
N ILE D 243 -25.63 -3.04 0.50
CA ILE D 243 -26.48 -3.01 -0.69
C ILE D 243 -26.42 -4.33 -1.43
N ALA D 244 -25.22 -4.90 -1.57
CA ALA D 244 -25.07 -6.18 -2.25
C ALA D 244 -25.82 -7.28 -1.49
N ARG D 245 -25.75 -7.28 -0.16
CA ARG D 245 -26.41 -8.30 0.62
C ARG D 245 -27.93 -8.24 0.45
N LEU D 246 -28.50 -7.04 0.49
CA LEU D 246 -29.95 -6.91 0.31
C LEU D 246 -30.37 -7.30 -1.09
N ARG D 247 -29.63 -6.88 -2.11
CA ARG D 247 -29.99 -7.22 -3.48
C ARG D 247 -29.87 -8.72 -3.73
N ALA D 248 -28.90 -9.37 -3.10
CA ALA D 248 -28.82 -10.82 -3.18
C ALA D 248 -29.95 -11.49 -2.42
N LYS D 249 -30.39 -10.88 -1.32
CA LYS D 249 -31.49 -11.45 -0.55
C LYS D 249 -32.82 -11.32 -1.28
N ILE D 250 -33.08 -10.14 -1.86
CA ILE D 250 -34.38 -9.90 -2.48
C ILE D 250 -34.52 -10.60 -3.83
N LYS D 251 -33.41 -10.96 -4.49
CA LYS D 251 -33.52 -11.62 -5.78
C LYS D 251 -34.03 -13.05 -5.65
N TYR D 252 -33.69 -13.74 -4.56
CA TYR D 252 -34.09 -15.11 -4.34
C TYR D 252 -35.23 -15.26 -3.33
N ARG D 253 -35.23 -14.47 -2.26
CA ARG D 253 -36.26 -14.60 -1.23
C ARG D 253 -36.35 -13.31 -0.42
N PRO D 254 -37.18 -12.35 -0.86
CA PRO D 254 -37.23 -11.04 -0.18
C PRO D 254 -37.91 -11.08 1.17
N VAL D 255 -37.14 -11.34 2.22
CA VAL D 255 -37.65 -11.30 3.60
C VAL D 255 -37.40 -9.88 4.10
N VAL D 256 -38.37 -9.00 3.84
CA VAL D 256 -38.21 -7.58 4.11
C VAL D 256 -39.41 -7.02 4.88
N PHE D 257 -39.92 -7.81 5.83
CA PHE D 257 -41.06 -7.34 6.63
C PHE D 257 -40.70 -6.17 7.52
N GLU D 258 -39.41 -6.01 7.86
CA GLU D 258 -38.99 -4.88 8.66
C GLU D 258 -38.95 -3.59 7.88
N LEU D 259 -38.95 -3.66 6.54
CA LEU D 259 -38.94 -2.47 5.71
C LEU D 259 -40.35 -1.97 5.38
N ALA D 261 -44.75 -1.66 6.28
CA ALA D 261 -45.68 -1.58 7.40
C ALA D 261 -46.25 -2.97 7.68
N ASP D 262 -47.16 -3.03 8.66
CA ASP D 262 -47.75 -4.32 9.02
C ASP D 262 -48.56 -4.90 7.85
N SER D 263 -49.24 -4.05 7.10
CA SER D 263 -49.99 -4.46 5.93
C SER D 263 -49.60 -3.57 4.75
N PHE D 264 -49.66 -4.13 3.55
CA PHE D 264 -49.21 -3.44 2.36
C PHE D 264 -49.83 -4.09 1.13
N THR D 265 -49.84 -3.34 0.04
CA THR D 265 -50.28 -3.87 -1.24
C THR D 265 -49.09 -4.46 -1.98
N LEU D 266 -49.39 -5.24 -3.03
CA LEU D 266 -48.32 -5.90 -3.78
C LEU D 266 -47.51 -4.92 -4.60
N LEU D 267 -48.14 -3.84 -5.09
CA LEU D 267 -47.37 -2.83 -5.81
C LEU D 267 -46.46 -2.07 -4.87
N GLN D 268 -46.93 -1.79 -3.65
CA GLN D 268 -46.06 -1.19 -2.64
C GLN D 268 -44.87 -2.09 -2.35
N LEU D 269 -45.11 -3.39 -2.25
CA LEU D 269 -44.00 -4.34 -2.09
C LEU D 269 -43.07 -4.29 -3.29
N GLN D 270 -43.62 -4.20 -4.50
CA GLN D 270 -42.80 -4.20 -5.71
C GLN D 270 -41.96 -2.92 -5.81
N ARG D 271 -42.58 -1.77 -5.55
CA ARG D 271 -41.85 -0.51 -5.62
C ARG D 271 -40.66 -0.50 -4.67
N ALA D 272 -40.83 -1.08 -3.49
CA ALA D 272 -39.75 -1.09 -2.51
C ALA D 272 -38.63 -2.04 -2.92
N ILE D 273 -38.99 -3.23 -3.42
CA ILE D 273 -37.98 -4.14 -3.96
C ILE D 273 -37.30 -3.50 -5.17
N GLU D 274 -38.04 -2.75 -5.98
CA GLU D 274 -37.44 -2.02 -7.08
C GLU D 274 -36.50 -0.93 -6.59
N ALA D 275 -36.84 -0.29 -5.46
CA ALA D 275 -35.98 0.74 -4.91
C ALA D 275 -34.68 0.17 -4.39
N LEU D 276 -34.73 -1.02 -3.78
CA LEU D 276 -33.52 -1.65 -3.24
C LEU D 276 -32.61 -2.13 -4.36
N ALA D 277 -33.18 -2.82 -5.35
CA ALA D 277 -32.38 -3.38 -6.43
C ALA D 277 -31.94 -2.34 -7.45
N GLY D 278 -32.56 -1.16 -7.46
CA GLY D 278 -32.24 -0.17 -8.46
C GLY D 278 -32.70 -0.55 -9.86
N LEU D 279 -33.72 -1.40 -9.96
CA LEU D 279 -34.23 -1.87 -11.24
C LEU D 279 -35.75 -1.91 -11.19
N THR D 280 -36.37 -1.66 -12.35
CA THR D 280 -37.81 -1.83 -12.50
C THR D 280 -38.10 -3.27 -12.87
N LEU D 281 -39.01 -3.90 -12.12
CA LEU D 281 -39.32 -5.31 -12.28
C LEU D 281 -40.58 -5.50 -13.12
N HIS D 282 -40.64 -6.62 -13.82
CA HIS D 282 -41.87 -7.01 -14.49
C HIS D 282 -42.91 -7.40 -13.45
N LYS D 283 -44.12 -6.86 -13.61
CA LYS D 283 -45.14 -7.01 -12.57
C LYS D 283 -45.48 -8.48 -12.34
N GLN D 284 -45.85 -9.20 -13.40
CA GLN D 284 -46.34 -10.57 -13.24
C GLN D 284 -45.26 -11.51 -12.74
N ASN D 285 -44.03 -11.40 -13.27
CA ASN D 285 -42.97 -12.28 -12.82
C ASN D 285 -42.61 -12.03 -11.36
N PHE D 286 -42.79 -10.79 -10.89
CA PHE D 286 -42.59 -10.52 -9.47
C PHE D 286 -43.71 -11.10 -8.63
N ARG D 287 -44.94 -11.06 -9.15
CA ARG D 287 -46.07 -11.67 -8.44
C ARG D 287 -45.87 -13.17 -8.27
N ARG D 288 -45.26 -13.82 -9.26
CA ARG D 288 -44.98 -15.25 -9.15
C ARG D 288 -43.92 -15.52 -8.10
N LEU D 289 -42.85 -14.73 -8.08
CA LEU D 289 -41.77 -14.93 -7.12
C LEU D 289 -42.28 -14.86 -5.68
N ILE D 290 -43.17 -13.91 -5.40
CA ILE D 290 -43.64 -13.72 -4.03
C ILE D 290 -44.52 -14.89 -3.61
N GLU D 291 -45.31 -15.44 -4.54
CA GLU D 291 -46.23 -16.51 -4.18
C GLU D 291 -45.54 -17.88 -4.17
N GLN D 292 -44.52 -18.07 -5.02
CA GLN D 292 -43.78 -19.33 -5.00
C GLN D 292 -43.01 -19.52 -3.70
N GLN D 293 -42.52 -18.43 -3.11
CA GLN D 293 -41.72 -18.50 -1.90
C GLN D 293 -42.57 -18.57 -0.63
N GLN D 294 -43.89 -18.50 -0.75
CA GLN D 294 -44.81 -18.61 0.39
C GLN D 294 -44.50 -17.56 1.45
N LEU D 295 -44.15 -16.35 1.01
CA LEU D 295 -43.74 -15.28 1.92
C LEU D 295 -44.91 -14.44 2.41
N VAL D 296 -46.01 -14.39 1.67
CA VAL D 296 -47.05 -13.40 1.91
C VAL D 296 -48.40 -14.08 2.01
N GLU D 297 -49.35 -13.39 2.65
CA GLU D 297 -50.73 -13.85 2.73
C GLU D 297 -51.64 -12.63 2.80
N GLU D 298 -52.88 -12.84 2.38
CA GLU D 298 -53.85 -11.76 2.31
C GLU D 298 -54.44 -11.48 3.68
N THR D 299 -54.58 -10.20 4.01
CA THR D 299 -55.11 -9.78 5.30
C THR D 299 -56.63 -9.69 5.32
N GLY D 300 -57.28 -9.67 4.16
CA GLY D 300 -58.71 -9.52 4.07
C GLY D 300 -59.19 -8.09 3.88
N ASP D 301 -58.39 -7.11 4.25
CA ASP D 301 -58.72 -5.71 4.05
C ASP D 301 -58.23 -5.22 2.70
N ALA D 303 -57.21 -1.29 0.40
CA ALA D 303 -56.80 0.09 0.53
C ALA D 303 -56.78 0.73 -0.86
N THR D 304 -56.76 2.05 -0.88
CA THR D 304 -56.66 2.80 -2.12
C THR D 304 -55.19 2.95 -2.50
N GLU D 305 -54.86 2.63 -3.75
CA GLU D 305 -53.48 2.66 -4.22
C GLU D 305 -53.26 3.85 -5.15
N THR D 306 -52.03 3.98 -5.62
CA THR D 306 -51.69 5.02 -6.58
C THR D 306 -52.58 4.92 -7.82
N GLY D 307 -53.11 6.07 -8.25
CA GLY D 307 -54.03 6.12 -9.36
C GLY D 307 -55.49 6.17 -8.93
N GLY D 308 -55.82 5.60 -7.77
CA GLY D 308 -57.16 5.66 -7.22
C GLY D 308 -57.87 4.34 -7.11
N ARG D 309 -57.29 3.25 -7.62
CA ARG D 309 -57.97 1.97 -7.60
C ARG D 309 -57.76 1.27 -6.25
N PRO D 310 -58.74 0.49 -5.81
CA PRO D 310 -58.55 -0.32 -4.60
C PRO D 310 -57.74 -1.58 -4.92
N ALA D 311 -57.08 -2.10 -3.88
CA ALA D 311 -56.23 -3.27 -4.04
C ALA D 311 -56.18 -4.04 -2.73
N LYS D 312 -55.89 -5.33 -2.83
CA LYS D 312 -55.82 -6.19 -1.66
C LYS D 312 -54.59 -5.85 -0.81
N LEU D 313 -54.79 -5.83 0.50
CA LEU D 313 -53.69 -5.63 1.44
C LEU D 313 -53.07 -6.98 1.81
N PHE D 314 -51.76 -6.98 2.02
CA PHE D 314 -51.00 -8.20 2.27
C PHE D 314 -50.09 -8.01 3.48
N ARG D 315 -49.77 -9.12 4.13
CA ARG D 315 -48.83 -9.13 5.23
C ARG D 315 -47.90 -10.34 5.07
N PHE D 316 -46.71 -10.22 5.66
CA PHE D 316 -45.79 -11.35 5.71
C PHE D 316 -46.33 -12.40 6.66
N ARG D 317 -46.19 -13.67 6.27
CA ARG D 317 -46.70 -14.77 7.08
C ARG D 317 -45.94 -14.86 8.40
N GLN D 318 -46.63 -15.38 9.43
CA GLN D 318 -46.00 -15.53 10.74
C GLN D 318 -44.84 -16.51 10.69
N THR D 319 -44.88 -17.49 9.79
CA THR D 319 -43.78 -18.42 9.64
C THR D 319 -42.49 -17.70 9.26
N VAL D 320 -42.61 -16.70 8.37
CA VAL D 320 -41.43 -15.93 7.97
C VAL D 320 -40.83 -15.18 9.16
N LEU D 321 -41.70 -14.57 9.98
CA LEU D 321 -41.21 -13.82 11.14
C LEU D 321 -40.61 -14.76 12.18
N ASP D 322 -41.17 -15.96 12.33
CA ASP D 322 -40.66 -16.90 13.32
C ASP D 322 -39.28 -17.42 12.95
N GLU D 323 -39.06 -17.70 11.66
CA GLU D 323 -37.76 -18.24 11.25
C GLU D 323 -36.66 -17.21 11.38
N ARG D 324 -36.94 -15.95 11.04
CA ARG D 324 -35.93 -14.90 11.17
C ARG D 324 -35.57 -14.67 12.63
N ALA D 325 -36.51 -14.88 13.55
CA ALA D 325 -36.23 -14.70 14.96
C ALA D 325 -35.25 -15.73 15.50
N LEU D 326 -35.07 -16.85 14.81
CA LEU D 326 -34.18 -17.92 15.27
C LEU D 326 -32.93 -18.08 14.43
N SER D 327 -32.77 -17.32 13.35
CA SER D 327 -31.66 -17.54 12.43
C SER D 327 -30.37 -16.85 12.86
N GLY D 328 -30.45 -15.90 13.80
CA GLY D 328 -29.24 -15.26 14.28
C GLY D 328 -28.64 -14.28 13.29
N THR D 329 -27.37 -13.96 13.52
CA THR D 329 -26.64 -12.98 12.72
C THR D 329 -25.71 -13.60 11.70
N LYS D 330 -25.46 -14.91 11.77
CA LYS D 330 -24.56 -15.60 10.84
C LYS D 330 -25.41 -16.45 9.89
N LEU D 331 -26.05 -15.78 8.95
CA LEU D 331 -27.01 -16.45 8.07
C LEU D 331 -26.30 -17.33 7.06
N PRO D 332 -26.86 -18.50 6.73
CA PRO D 332 -26.28 -19.34 5.67
C PRO D 332 -26.60 -18.75 4.30
N LEU D 333 -25.55 -18.40 3.56
CA LEU D 333 -25.70 -17.73 2.29
C LEU D 333 -24.73 -18.32 1.28
N SER D 334 -24.92 -17.97 0.00
CA SER D 334 -23.97 -18.34 -1.03
C SER D 334 -22.85 -17.32 -1.14
N ARG D 335 -23.18 -16.05 -1.00
CA ARG D 335 -22.21 -14.97 -1.01
C ARG D 335 -21.96 -14.48 0.42
N ASN D 336 -21.06 -13.52 0.55
CA ASN D 336 -20.79 -12.90 1.84
C ASN D 336 -20.77 -11.38 1.71
#